data_6ORG
#
_entry.id   6ORG
#
_cell.length_a   60.920
_cell.length_b   117.160
_cell.length_c   64.901
_cell.angle_alpha   90.000
_cell.angle_beta   89.970
_cell.angle_gamma   90.000
#
_symmetry.space_group_name_H-M   'P 1 21 1'
#
loop_
_entity.id
_entity.type
_entity.pdbx_description
1 polymer 'Glycoside hydrolase'
2 non-polymer 'CALCIUM ION'
3 non-polymer 1,2-ETHANEDIOL
4 non-polymer 2-[BIS-(2-HYDROXY-ETHYL)-AMINO]-2-HYDROXYMETHYL-PROPANE-1,3-DIOL
5 water water
#
_entity_poly.entity_id   1
_entity_poly.type   'polypeptide(L)'
_entity_poly.pdbx_seq_one_letter_code
;MKKIKPHGPLPSQTQLAYLGDELAAFIHFGPNTFYDQEWGTGQEDPERFNPSQLDAREWVRVLKETGFKKLILVVKHHDG
FVLYPTAHTDYSVKVSPWRRGKGDLLLEVSQAATEFDMDMGVYLSPWDAHSPLYHVDREADYNAYYLAQLKEILSNPNYG
NAGKFAEVWMDGARGEGAQKVNYEFEKWFETIRDLQGDCLIFSTEGTSIRWIGNERGYAGDPLWQKVNPDKLGTEAELNY
LQHGDPSGTIFSIGEADVSIRPGWFYHEDQDPKSLEELVEIYFHSVGRGTPLLLNIPPNQAGLFDAKDIERLYEFATYRN
ELYKEDLALGAEVSGPALSADFACRHLTDGLETSSWASDADLPIQLELDLGSPKTFDVIELREDLKLGQRIAAFHVQVEV
DGVWQEFGSGHTVGYKRLLRGAVVEAQKIRVVITESQALPLLTKISLYKTPG
;
_entity_poly.pdbx_strand_id   A,B
#
loop_
_chem_comp.id
_chem_comp.type
_chem_comp.name
_chem_comp.formula
BTB non-polymer 2-[BIS-(2-HYDROXY-ETHYL)-AMINO]-2-HYDROXYMETHYL-PROPANE-1,3-DIOL 'C8 H19 N O5'
CA non-polymer 'CALCIUM ION' 'Ca 2'
EDO non-polymer 1,2-ETHANEDIOL 'C2 H6 O2'
#
# COMPACT_ATOMS: atom_id res chain seq x y z
N LYS A 2 -33.73 5.08 1.89
CA LYS A 2 -32.55 4.69 1.09
C LYS A 2 -31.30 4.97 1.91
N LYS A 3 -31.15 4.29 3.07
CA LYS A 3 -30.07 4.62 4.01
C LYS A 3 -28.73 4.14 3.46
N ILE A 4 -27.62 4.80 3.88
CA ILE A 4 -26.28 4.28 3.58
C ILE A 4 -26.01 3.08 4.50
N LYS A 5 -25.73 1.90 3.93
CA LYS A 5 -25.40 0.71 4.69
C LYS A 5 -23.96 0.81 5.18
N PRO A 6 -23.64 0.17 6.32
CA PRO A 6 -22.26 0.18 6.81
C PRO A 6 -21.36 -0.65 5.88
N HIS A 7 -20.07 -0.36 5.97
CA HIS A 7 -19.01 -1.09 5.27
C HIS A 7 -17.90 -1.51 6.24
N GLY A 8 -17.56 -2.79 6.21
CA GLY A 8 -16.49 -3.31 7.04
C GLY A 8 -16.85 -3.26 8.51
N PRO A 9 -15.88 -3.57 9.38
CA PRO A 9 -16.13 -3.63 10.82
C PRO A 9 -16.22 -2.24 11.44
N LEU A 10 -17.20 -2.05 12.33
CA LEU A 10 -17.47 -0.73 12.87
C LEU A 10 -16.72 -0.55 14.19
N PRO A 11 -16.12 0.63 14.43
CA PRO A 11 -15.42 0.87 15.70
C PRO A 11 -16.39 0.89 16.89
N SER A 12 -15.91 0.44 18.07
CA SER A 12 -16.67 0.64 19.30
C SER A 12 -16.67 2.13 19.71
N GLN A 13 -17.56 2.50 20.66
CA GLN A 13 -17.56 3.85 21.23
C GLN A 13 -16.20 4.17 21.85
N THR A 14 -15.60 3.22 22.59
N THR A 14 -15.62 3.18 22.51
CA THR A 14 -14.30 3.45 23.20
CA THR A 14 -14.36 3.34 23.19
C THR A 14 -13.21 3.60 22.12
C THR A 14 -13.22 3.51 22.19
N GLN A 15 -13.29 2.80 21.05
CA GLN A 15 -12.28 2.98 19.99
C GLN A 15 -12.39 4.38 19.38
N LEU A 16 -13.64 4.83 19.15
CA LEU A 16 -13.86 6.16 18.57
C LEU A 16 -13.38 7.22 19.56
N ALA A 17 -13.52 6.96 20.86
CA ALA A 17 -13.07 7.95 21.84
C ALA A 17 -11.57 8.15 21.77
N TYR A 18 -10.82 7.04 21.69
CA TYR A 18 -9.36 7.15 21.62
C TYR A 18 -8.95 7.86 20.33
N LEU A 19 -9.59 7.51 19.20
CA LEU A 19 -9.23 8.14 17.94
C LEU A 19 -9.43 9.66 18.03
N GLY A 20 -10.54 10.08 18.65
CA GLY A 20 -10.82 11.49 18.84
C GLY A 20 -9.87 12.18 19.81
N ASP A 21 -9.41 11.43 20.83
CA ASP A 21 -8.57 12.01 21.84
C ASP A 21 -7.13 12.22 21.34
N GLU A 22 -6.64 11.31 20.48
CA GLU A 22 -5.44 11.50 19.67
C GLU A 22 -4.13 11.27 20.42
N LEU A 23 -4.01 11.80 21.65
CA LEU A 23 -2.74 11.81 22.35
C LEU A 23 -2.84 11.12 23.70
N ALA A 24 -1.92 10.18 23.93
CA ALA A 24 -1.81 9.55 25.24
C ALA A 24 -0.36 9.51 25.65
N ALA A 25 -0.15 9.38 26.97
CA ALA A 25 1.21 9.43 27.47
C ALA A 25 1.50 8.10 28.14
N PHE A 26 2.75 7.61 27.94
CA PHE A 26 3.21 6.46 28.72
C PHE A 26 4.11 6.98 29.86
N ILE A 27 4.11 6.29 31.01
CA ILE A 27 5.06 6.66 32.06
C ILE A 27 5.83 5.42 32.46
N HIS A 28 7.15 5.47 32.17
CA HIS A 28 8.11 4.48 32.67
C HIS A 28 8.90 5.02 33.85
N PHE A 29 8.65 4.42 35.03
CA PHE A 29 9.36 4.81 36.24
C PHE A 29 9.51 3.58 37.13
N GLY A 30 10.73 3.34 37.62
CA GLY A 30 10.86 2.23 38.55
C GLY A 30 12.31 2.01 38.97
N PRO A 31 12.63 0.79 39.46
CA PRO A 31 14.02 0.38 39.71
C PRO A 31 14.97 0.73 38.57
N ASN A 32 14.57 0.60 37.30
CA ASN A 32 15.49 0.86 36.20
C ASN A 32 15.99 2.31 36.20
N THR A 33 15.14 3.22 36.68
CA THR A 33 15.46 4.64 36.75
C THR A 33 16.64 4.83 37.71
N PHE A 34 16.68 4.02 38.77
CA PHE A 34 17.70 4.19 39.80
C PHE A 34 18.94 3.37 39.49
N TYR A 35 18.84 2.50 38.49
CA TYR A 35 19.96 1.67 38.07
C TYR A 35 20.47 2.15 36.72
N ASP A 36 19.90 3.23 36.18
CA ASP A 36 20.29 3.83 34.92
C ASP A 36 20.26 2.81 33.78
N GLN A 37 19.15 2.08 33.63
CA GLN A 37 19.09 1.00 32.67
C GLN A 37 17.71 0.96 32.01
N GLU A 38 17.60 0.09 31.00
CA GLU A 38 16.37 -0.10 30.21
C GLU A 38 15.64 -1.41 30.51
N TRP A 39 16.35 -2.40 31.08
N TRP A 39 16.39 -2.41 31.02
CA TRP A 39 15.80 -3.74 31.23
CA TRP A 39 15.91 -3.76 31.24
C TRP A 39 16.46 -4.47 32.39
C TRP A 39 16.52 -4.21 32.56
N GLY A 40 15.67 -4.71 33.45
CA GLY A 40 16.16 -5.12 34.77
C GLY A 40 16.41 -6.63 34.81
N THR A 41 17.03 -7.10 35.90
CA THR A 41 17.33 -8.51 36.05
C THR A 41 16.33 -9.17 37.02
N GLY A 42 15.58 -8.37 37.79
CA GLY A 42 14.72 -8.93 38.83
C GLY A 42 15.43 -9.08 40.17
N GLN A 43 16.72 -8.71 40.18
CA GLN A 43 17.48 -8.76 41.42
C GLN A 43 17.80 -7.36 41.94
N GLU A 44 17.16 -6.33 41.36
CA GLU A 44 17.35 -4.96 41.83
C GLU A 44 16.93 -4.83 43.30
N ASP A 45 17.66 -4.00 44.05
CA ASP A 45 17.41 -3.85 45.47
C ASP A 45 16.27 -2.86 45.71
N PRO A 46 15.08 -3.27 46.24
CA PRO A 46 14.02 -2.31 46.55
C PRO A 46 14.49 -1.13 47.40
N GLU A 47 15.65 -1.27 48.06
CA GLU A 47 16.14 -0.20 48.91
C GLU A 47 16.53 0.99 48.05
N ARG A 48 16.91 0.67 46.81
CA ARG A 48 17.36 1.67 45.84
C ARG A 48 16.16 2.44 45.27
N PHE A 49 14.94 1.90 45.43
CA PHE A 49 13.78 2.60 44.91
C PHE A 49 13.35 3.66 45.93
N ASN A 50 13.87 4.88 45.73
CA ASN A 50 13.77 5.89 46.77
C ASN A 50 13.74 7.32 46.22
N PRO A 51 12.71 7.72 45.42
CA PRO A 51 12.73 9.04 44.80
C PRO A 51 12.57 10.13 45.84
N SER A 52 13.30 11.24 45.69
CA SER A 52 13.36 12.25 46.73
C SER A 52 12.10 13.11 46.76
N GLN A 53 11.44 13.35 45.61
CA GLN A 53 10.33 14.29 45.67
C GLN A 53 9.28 14.00 44.61
N LEU A 54 8.88 12.72 44.52
CA LEU A 54 7.89 12.31 43.51
C LEU A 54 6.58 13.08 43.67
N ASP A 55 6.12 13.66 42.56
CA ASP A 55 4.84 14.37 42.51
C ASP A 55 4.00 13.94 41.30
N ALA A 56 3.15 12.93 41.51
CA ALA A 56 2.27 12.40 40.47
C ALA A 56 1.30 13.48 39.99
N ARG A 57 0.91 14.42 40.87
CA ARG A 57 -0.04 15.45 40.43
C ARG A 57 0.62 16.37 39.40
N GLU A 58 1.90 16.69 39.61
CA GLU A 58 2.72 17.39 38.63
C GLU A 58 2.78 16.64 37.29
N TRP A 59 2.94 15.31 37.32
CA TRP A 59 2.95 14.53 36.08
C TRP A 59 1.64 14.78 35.35
N VAL A 60 0.53 14.54 36.07
CA VAL A 60 -0.79 14.59 35.43
C VAL A 60 -1.10 16.01 34.96
N ARG A 61 -0.81 17.03 35.80
CA ARG A 61 -1.17 18.40 35.43
C ARG A 61 -0.46 18.84 34.15
N VAL A 62 0.84 18.55 34.05
CA VAL A 62 1.58 18.93 32.85
C VAL A 62 1.07 18.17 31.61
N LEU A 63 0.87 16.87 31.77
CA LEU A 63 0.24 16.10 30.68
C LEU A 63 -1.11 16.68 30.25
N LYS A 64 -2.00 17.00 31.23
CA LYS A 64 -3.31 17.52 30.84
C LYS A 64 -3.17 18.86 30.13
N GLU A 65 -2.32 19.72 30.67
CA GLU A 65 -2.09 21.04 30.11
C GLU A 65 -1.48 20.97 28.71
N THR A 66 -0.72 19.92 28.41
CA THR A 66 -0.06 19.85 27.11
C THR A 66 -0.80 18.89 26.14
N GLY A 67 -2.05 18.55 26.45
CA GLY A 67 -2.98 18.01 25.46
C GLY A 67 -3.16 16.50 25.54
N PHE A 68 -2.56 15.82 26.53
CA PHE A 68 -2.68 14.37 26.59
C PHE A 68 -3.97 14.04 27.32
N LYS A 69 -4.69 12.98 26.85
CA LYS A 69 -6.04 12.66 27.32
C LYS A 69 -6.05 11.36 28.14
N LYS A 70 -4.94 10.62 28.09
CA LYS A 70 -4.85 9.30 28.74
C LYS A 70 -3.41 9.15 29.18
N LEU A 71 -3.22 8.47 30.31
CA LEU A 71 -1.92 8.20 30.89
C LEU A 71 -1.83 6.72 31.20
N ILE A 72 -0.91 6.03 30.53
CA ILE A 72 -0.72 4.61 30.81
C ILE A 72 0.52 4.50 31.69
N LEU A 73 0.35 3.85 32.85
CA LEU A 73 1.42 3.80 33.82
C LEU A 73 2.01 2.41 33.88
N VAL A 74 3.35 2.33 33.73
CA VAL A 74 3.97 0.99 33.89
C VAL A 74 3.95 0.64 35.37
N VAL A 75 3.26 -0.46 35.71
CA VAL A 75 3.07 -0.81 37.10
C VAL A 75 3.98 -1.98 37.48
N LYS A 76 4.46 -2.70 36.46
CA LYS A 76 5.44 -3.74 36.68
C LYS A 76 6.11 -3.98 35.33
N HIS A 77 7.39 -3.62 35.26
CA HIS A 77 8.12 -3.85 34.03
C HIS A 77 8.75 -5.25 34.08
N HIS A 78 9.69 -5.47 33.18
CA HIS A 78 10.35 -6.75 33.01
C HIS A 78 10.95 -7.27 34.32
N ASP A 79 11.57 -6.37 35.11
CA ASP A 79 12.19 -6.69 36.40
C ASP A 79 11.23 -7.28 37.44
N GLY A 80 9.93 -7.09 37.23
CA GLY A 80 8.95 -7.74 38.11
C GLY A 80 8.68 -6.99 39.42
N PHE A 81 9.34 -5.83 39.57
CA PHE A 81 9.10 -4.98 40.74
C PHE A 81 7.75 -4.24 40.61
N VAL A 82 6.82 -4.47 41.56
CA VAL A 82 5.45 -3.99 41.40
C VAL A 82 5.31 -2.64 42.11
N LEU A 83 4.73 -1.64 41.43
CA LEU A 83 4.71 -0.27 41.95
C LEU A 83 3.49 0.09 42.81
N TYR A 84 2.70 -0.92 43.23
CA TYR A 84 1.64 -0.69 44.19
C TYR A 84 1.80 -1.85 45.19
N PRO A 85 1.23 -1.74 46.43
CA PRO A 85 1.39 -2.77 47.45
C PRO A 85 0.52 -4.02 47.23
N THR A 86 0.86 -4.80 46.21
CA THR A 86 0.14 -6.00 45.80
C THR A 86 0.16 -7.00 46.96
N ALA A 87 -0.99 -7.67 47.16
CA ALA A 87 -1.07 -8.80 48.07
C ALA A 87 -0.27 -10.00 47.55
N HIS A 88 0.12 -10.01 46.26
CA HIS A 88 0.51 -11.26 45.61
C HIS A 88 2.00 -11.49 45.45
N THR A 89 2.85 -10.52 45.83
CA THR A 89 4.28 -10.75 45.87
C THR A 89 4.89 -9.79 46.89
N ASP A 90 6.06 -10.13 47.43
CA ASP A 90 6.71 -9.22 48.36
C ASP A 90 7.66 -8.28 47.62
N TYR A 91 7.81 -8.51 46.29
CA TYR A 91 8.73 -7.70 45.49
C TYR A 91 7.99 -6.47 44.99
N SER A 92 7.82 -5.49 45.89
CA SER A 92 7.00 -4.33 45.58
C SER A 92 7.44 -3.13 46.43
N VAL A 93 6.79 -1.99 46.18
CA VAL A 93 6.96 -0.78 46.95
C VAL A 93 6.82 -1.03 48.46
N LYS A 94 6.14 -2.11 48.88
CA LYS A 94 6.01 -2.42 50.30
C LYS A 94 7.38 -2.49 51.00
N VAL A 95 8.42 -2.92 50.30
CA VAL A 95 9.71 -3.15 50.95
C VAL A 95 10.71 -2.10 50.51
N SER A 96 10.22 -0.97 49.98
CA SER A 96 11.11 0.11 49.60
C SER A 96 11.02 1.20 50.66
N PRO A 97 12.03 2.10 50.78
CA PRO A 97 11.96 3.27 51.67
C PRO A 97 11.02 4.39 51.24
N TRP A 98 10.60 4.38 49.97
CA TRP A 98 9.70 5.42 49.49
C TRP A 98 8.44 5.46 50.37
N ARG A 99 8.05 6.67 50.77
CA ARG A 99 6.89 6.92 51.63
C ARG A 99 6.89 6.04 52.88
N ARG A 100 8.07 5.82 53.45
CA ARG A 100 8.22 5.03 54.66
C ARG A 100 7.69 3.60 54.40
N GLY A 101 7.77 3.13 53.14
CA GLY A 101 7.27 1.82 52.79
C GLY A 101 5.75 1.74 52.61
N LYS A 102 5.02 2.86 52.73
CA LYS A 102 3.56 2.87 52.63
C LYS A 102 3.13 3.47 51.28
N GLY A 103 4.03 3.51 50.30
CA GLY A 103 3.68 4.17 49.04
C GLY A 103 2.80 3.33 48.13
N ASP A 104 2.00 4.01 47.29
CA ASP A 104 1.23 3.34 46.26
C ASP A 104 1.21 4.23 45.04
N LEU A 105 2.11 3.95 44.07
CA LEU A 105 2.24 4.84 42.92
C LEU A 105 0.99 4.81 42.07
N LEU A 106 0.36 3.63 41.94
CA LEU A 106 -0.87 3.59 41.14
C LEU A 106 -1.97 4.41 41.83
N LEU A 107 -2.05 4.37 43.18
CA LEU A 107 -3.02 5.22 43.88
C LEU A 107 -2.72 6.71 43.68
N GLU A 108 -1.44 7.09 43.73
CA GLU A 108 -1.11 8.51 43.66
C GLU A 108 -1.41 9.04 42.26
N VAL A 109 -1.09 8.24 41.24
CA VAL A 109 -1.44 8.69 39.90
C VAL A 109 -2.95 8.71 39.64
N SER A 110 -3.68 7.72 40.15
CA SER A 110 -5.13 7.61 39.98
C SER A 110 -5.85 8.78 40.63
N GLN A 111 -5.44 9.14 41.86
CA GLN A 111 -6.03 10.29 42.55
C GLN A 111 -5.91 11.54 41.69
N ALA A 112 -4.70 11.77 41.16
CA ALA A 112 -4.39 12.94 40.35
C ALA A 112 -5.20 12.89 39.04
N ALA A 113 -5.19 11.71 38.40
CA ALA A 113 -5.84 11.52 37.12
C ALA A 113 -7.33 11.76 37.30
N THR A 114 -7.89 11.29 38.41
CA THR A 114 -9.30 11.50 38.69
C THR A 114 -9.60 12.99 38.81
N GLU A 115 -8.73 13.74 39.51
CA GLU A 115 -8.91 15.18 39.68
C GLU A 115 -8.93 15.93 38.34
N PHE A 116 -8.08 15.50 37.39
CA PHE A 116 -7.93 16.18 36.10
C PHE A 116 -8.76 15.52 35.00
N ASP A 117 -9.58 14.50 35.33
CA ASP A 117 -10.29 13.76 34.29
C ASP A 117 -9.31 13.32 33.18
N MET A 118 -8.19 12.72 33.62
CA MET A 118 -7.21 12.06 32.75
C MET A 118 -7.53 10.56 32.74
N ASP A 119 -7.81 10.02 31.54
CA ASP A 119 -8.02 8.59 31.40
C ASP A 119 -6.77 7.83 31.84
N MET A 120 -6.99 6.59 32.27
CA MET A 120 -5.87 5.80 32.80
C MET A 120 -5.69 4.45 32.10
N GLY A 121 -4.43 4.04 32.02
CA GLY A 121 -4.13 2.69 31.58
C GLY A 121 -3.03 2.09 32.43
N VAL A 122 -2.80 0.77 32.31
CA VAL A 122 -1.69 0.15 33.04
C VAL A 122 -0.95 -0.81 32.12
N TYR A 123 0.35 -1.00 32.45
CA TYR A 123 1.12 -2.09 31.86
C TYR A 123 1.71 -2.89 33.01
N LEU A 124 1.50 -4.22 32.98
CA LEU A 124 2.24 -5.19 33.77
C LEU A 124 2.85 -6.18 32.81
N SER A 125 4.18 -6.23 32.81
CA SER A 125 4.94 -7.06 31.89
C SER A 125 4.55 -8.54 32.03
N PRO A 126 4.02 -9.20 30.98
CA PRO A 126 3.89 -10.65 30.98
C PRO A 126 5.20 -11.38 31.32
N TRP A 127 6.31 -10.99 30.67
CA TRP A 127 7.63 -11.52 30.99
C TRP A 127 8.16 -10.90 32.28
N ASP A 128 8.42 -11.76 33.28
CA ASP A 128 8.75 -11.32 34.62
C ASP A 128 10.04 -12.01 35.04
N ALA A 129 11.10 -11.21 35.22
CA ALA A 129 12.42 -11.70 35.56
C ALA A 129 12.55 -11.95 37.06
N HIS A 130 11.55 -11.59 37.86
CA HIS A 130 11.69 -11.80 39.29
C HIS A 130 10.96 -13.05 39.73
N SER A 131 9.73 -13.25 39.24
CA SER A 131 8.81 -14.18 39.85
C SER A 131 9.40 -15.58 39.81
N PRO A 132 9.41 -16.31 40.95
CA PRO A 132 9.81 -17.72 40.92
C PRO A 132 8.80 -18.59 40.17
N LEU A 133 7.59 -18.05 39.91
CA LEU A 133 6.56 -18.81 39.20
C LEU A 133 6.80 -18.79 37.69
N TYR A 134 7.79 -18.02 37.21
CA TYR A 134 7.95 -17.75 35.79
C TYR A 134 8.79 -18.84 35.12
N HIS A 135 8.19 -20.03 34.96
CA HIS A 135 8.83 -21.19 34.35
C HIS A 135 7.77 -22.00 33.61
N VAL A 136 8.19 -22.74 32.59
CA VAL A 136 7.22 -23.57 31.86
C VAL A 136 6.49 -24.50 32.84
N ASP A 137 7.21 -25.03 33.83
CA ASP A 137 6.60 -26.00 34.74
C ASP A 137 5.74 -25.35 35.81
N ARG A 138 5.76 -24.01 35.91
CA ARG A 138 4.86 -23.34 36.86
C ARG A 138 3.92 -22.37 36.13
N GLU A 139 3.69 -22.60 34.82
CA GLU A 139 2.95 -21.67 33.98
C GLU A 139 1.57 -21.37 34.55
N ALA A 140 0.86 -22.41 34.99
CA ALA A 140 -0.51 -22.21 35.47
C ALA A 140 -0.46 -21.29 36.68
N ASP A 141 0.60 -21.46 37.48
CA ASP A 141 0.81 -20.67 38.68
C ASP A 141 1.13 -19.23 38.29
N TYR A 142 2.05 -19.05 37.34
CA TYR A 142 2.40 -17.70 36.90
C TYR A 142 1.18 -16.96 36.37
N ASN A 143 0.40 -17.64 35.52
CA ASN A 143 -0.78 -17.04 34.93
C ASN A 143 -1.77 -16.64 36.00
N ALA A 144 -1.88 -17.47 37.06
CA ALA A 144 -2.79 -17.14 38.13
C ALA A 144 -2.29 -15.89 38.85
N TYR A 145 -0.97 -15.71 38.91
CA TYR A 145 -0.38 -14.52 39.53
C TYR A 145 -0.65 -13.28 38.67
N TYR A 146 -0.42 -13.40 37.38
CA TYR A 146 -0.70 -12.30 36.45
C TYR A 146 -2.17 -11.91 36.57
N LEU A 147 -3.04 -12.94 36.50
CA LEU A 147 -4.46 -12.73 36.60
C LEU A 147 -4.84 -12.07 37.92
N ALA A 148 -4.21 -12.48 39.04
CA ALA A 148 -4.58 -11.95 40.34
C ALA A 148 -4.27 -10.46 40.44
N GLN A 149 -3.15 -10.03 39.86
CA GLN A 149 -2.84 -8.60 39.83
C GLN A 149 -3.76 -7.82 38.91
N LEU A 150 -4.10 -8.37 37.72
CA LEU A 150 -5.14 -7.75 36.91
C LEU A 150 -6.41 -7.52 37.73
N LYS A 151 -6.84 -8.55 38.49
CA LYS A 151 -8.03 -8.45 39.31
C LYS A 151 -7.87 -7.38 40.39
N GLU A 152 -6.72 -7.39 41.06
CA GLU A 152 -6.42 -6.49 42.15
C GLU A 152 -6.53 -5.04 41.66
N ILE A 153 -6.01 -4.77 40.47
CA ILE A 153 -5.99 -3.40 39.98
C ILE A 153 -7.36 -2.97 39.45
N LEU A 154 -7.96 -3.80 38.58
CA LEU A 154 -9.08 -3.36 37.79
C LEU A 154 -10.39 -3.49 38.58
N SER A 155 -10.33 -4.07 39.80
CA SER A 155 -11.50 -4.24 40.64
C SER A 155 -11.58 -3.15 41.71
N ASN A 156 -10.46 -2.45 41.92
CA ASN A 156 -10.39 -1.49 43.01
C ASN A 156 -10.87 -0.11 42.52
N PRO A 157 -11.98 0.45 43.08
CA PRO A 157 -12.57 1.69 42.60
C PRO A 157 -11.73 2.93 42.86
N ASN A 158 -10.65 2.76 43.66
CA ASN A 158 -9.74 3.82 44.02
C ASN A 158 -8.62 3.91 42.97
N TYR A 159 -8.54 2.91 42.10
CA TYR A 159 -7.58 2.97 40.99
C TYR A 159 -8.30 3.34 39.69
N GLY A 160 -7.61 4.02 38.77
CA GLY A 160 -8.30 4.52 37.58
C GLY A 160 -8.72 5.99 37.63
N ASN A 161 -9.40 6.41 36.56
CA ASN A 161 -10.05 7.70 36.50
C ASN A 161 -11.45 7.46 37.07
N ALA A 162 -11.67 7.86 38.33
CA ALA A 162 -12.90 7.52 39.05
C ALA A 162 -13.24 6.04 38.87
N GLY A 163 -12.27 5.20 39.20
CA GLY A 163 -12.47 3.75 39.16
C GLY A 163 -12.40 3.10 37.78
N LYS A 164 -12.17 3.90 36.72
CA LYS A 164 -12.34 3.37 35.38
C LYS A 164 -10.97 3.32 34.66
N PHE A 165 -10.66 2.19 34.02
CA PHE A 165 -9.47 2.14 33.16
C PHE A 165 -9.93 2.12 31.71
N ALA A 166 -9.17 2.84 30.85
CA ALA A 166 -9.48 3.06 29.46
C ALA A 166 -8.59 2.22 28.55
N GLU A 167 -7.42 1.78 29.05
CA GLU A 167 -6.54 0.92 28.24
C GLU A 167 -5.72 0.00 29.16
N VAL A 168 -5.74 -1.31 28.84
CA VAL A 168 -4.76 -2.22 29.42
C VAL A 168 -3.79 -2.54 28.30
N TRP A 169 -2.48 -2.45 28.58
CA TRP A 169 -1.45 -2.57 27.58
C TRP A 169 -0.59 -3.78 27.93
N MET A 170 -0.36 -4.65 26.94
CA MET A 170 0.52 -5.77 27.15
C MET A 170 1.20 -6.14 25.84
N ASP A 171 2.45 -6.57 25.97
CA ASP A 171 3.20 -7.10 24.84
C ASP A 171 3.10 -8.62 24.93
N GLY A 172 3.87 -9.33 24.13
CA GLY A 172 3.76 -10.78 24.15
C GLY A 172 5.11 -11.48 24.33
N ALA A 173 6.15 -10.72 24.69
CA ALA A 173 7.52 -11.26 24.70
C ALA A 173 7.66 -12.27 25.86
N ARG A 174 8.53 -13.28 25.68
CA ARG A 174 8.62 -14.32 26.69
C ARG A 174 10.06 -14.86 26.68
N GLY A 175 10.46 -15.55 27.74
CA GLY A 175 11.79 -16.14 27.76
C GLY A 175 11.98 -17.31 26.79
N GLU A 176 13.13 -17.99 26.88
CA GLU A 176 13.48 -19.16 26.09
C GLU A 176 13.50 -20.40 27.00
N GLY A 177 13.70 -21.59 26.40
CA GLY A 177 13.84 -22.78 27.21
C GLY A 177 12.74 -22.94 28.26
N ALA A 178 13.14 -23.19 29.51
CA ALA A 178 12.19 -23.47 30.59
C ALA A 178 11.51 -22.18 31.07
N GLN A 179 11.88 -21.06 30.44
CA GLN A 179 11.36 -19.72 30.69
C GLN A 179 10.42 -19.25 29.59
N LYS A 180 10.23 -20.09 28.55
N LYS A 180 10.24 -20.07 28.54
CA LYS A 180 9.34 -19.78 27.44
CA LYS A 180 9.34 -19.74 27.44
C LYS A 180 7.90 -20.00 27.89
C LYS A 180 7.90 -19.99 27.89
N VAL A 181 7.43 -19.12 28.80
CA VAL A 181 6.13 -19.29 29.46
C VAL A 181 4.97 -19.03 28.51
N ASN A 182 3.90 -19.82 28.63
CA ASN A 182 2.70 -19.57 27.82
C ASN A 182 1.70 -18.70 28.57
N TYR A 183 1.20 -17.67 27.88
CA TYR A 183 0.31 -16.75 28.54
C TYR A 183 -1.13 -17.12 28.22
N GLU A 184 -1.99 -17.10 29.24
CA GLU A 184 -3.40 -17.35 29.06
C GLU A 184 -4.11 -16.07 28.62
N PHE A 185 -3.73 -15.53 27.46
CA PHE A 185 -4.22 -14.23 27.01
C PHE A 185 -5.75 -14.16 27.07
N GLU A 186 -6.44 -15.19 26.56
CA GLU A 186 -7.89 -15.17 26.53
C GLU A 186 -8.53 -15.00 27.91
N LYS A 187 -8.01 -15.69 28.94
CA LYS A 187 -8.56 -15.57 30.26
C LYS A 187 -8.28 -14.16 30.77
N TRP A 188 -7.13 -13.60 30.37
CA TRP A 188 -6.80 -12.25 30.79
C TRP A 188 -7.79 -11.28 30.18
N PHE A 189 -8.07 -11.43 28.89
CA PHE A 189 -8.94 -10.48 28.23
C PHE A 189 -10.36 -10.60 28.80
N GLU A 190 -10.76 -11.84 29.12
CA GLU A 190 -12.07 -12.05 29.71
C GLU A 190 -12.18 -11.29 31.05
N THR A 191 -11.13 -11.38 31.88
CA THR A 191 -11.06 -10.69 33.16
C THR A 191 -11.21 -9.19 32.94
N ILE A 192 -10.44 -8.64 32.00
CA ILE A 192 -10.48 -7.21 31.70
C ILE A 192 -11.90 -6.78 31.36
N ARG A 193 -12.59 -7.56 30.51
CA ARG A 193 -13.92 -7.19 30.09
C ARG A 193 -14.88 -7.29 31.27
N ASP A 194 -14.72 -8.35 32.07
CA ASP A 194 -15.55 -8.56 33.26
C ASP A 194 -15.48 -7.36 34.21
N LEU A 195 -14.27 -6.78 34.38
CA LEU A 195 -14.01 -5.81 35.42
C LEU A 195 -14.08 -4.38 34.88
N GLN A 196 -13.82 -4.18 33.57
CA GLN A 196 -13.72 -2.83 33.05
C GLN A 196 -14.46 -2.72 31.71
N GLY A 197 -15.35 -3.68 31.40
CA GLY A 197 -16.28 -3.55 30.28
C GLY A 197 -15.57 -3.31 28.94
N ASP A 198 -15.76 -2.10 28.41
N ASP A 198 -15.82 -2.17 28.29
CA ASP A 198 -15.35 -1.74 27.06
CA ASP A 198 -15.25 -2.01 26.95
C ASP A 198 -13.92 -1.20 27.02
C ASP A 198 -13.87 -1.37 26.96
N CYS A 199 -13.18 -1.36 28.13
CA CYS A 199 -11.79 -0.92 28.20
C CYS A 199 -10.99 -1.48 27.01
N LEU A 200 -10.19 -0.61 26.33
CA LEU A 200 -9.44 -1.08 25.18
C LEU A 200 -8.26 -1.91 25.66
N ILE A 201 -7.82 -2.85 24.81
CA ILE A 201 -6.70 -3.73 25.12
C ILE A 201 -5.70 -3.67 23.97
N PHE A 202 -4.50 -3.20 24.29
CA PHE A 202 -3.41 -3.38 23.34
C PHE A 202 -2.77 -4.71 23.69
N SER A 203 -2.64 -5.57 22.66
CA SER A 203 -1.99 -6.85 22.81
C SER A 203 -1.49 -7.28 21.43
N THR A 204 -0.82 -8.45 21.43
CA THR A 204 -0.41 -9.16 20.25
C THR A 204 -1.55 -9.94 19.61
N GLU A 205 -2.71 -10.03 20.26
CA GLU A 205 -3.76 -10.92 19.79
C GLU A 205 -4.82 -10.03 19.14
N GLY A 206 -6.00 -10.60 18.84
CA GLY A 206 -6.98 -9.81 18.09
C GLY A 206 -7.86 -8.95 18.99
N THR A 207 -7.25 -8.00 19.74
CA THR A 207 -7.96 -7.10 20.64
C THR A 207 -8.27 -5.77 19.95
N SER A 208 -8.71 -4.76 20.73
CA SER A 208 -9.21 -3.51 20.16
C SER A 208 -8.08 -2.60 19.65
N ILE A 209 -6.88 -2.77 20.25
CA ILE A 209 -5.68 -2.07 19.79
C ILE A 209 -4.58 -3.06 19.42
N ARG A 210 -3.84 -2.71 18.37
CA ARG A 210 -2.65 -3.47 18.01
C ARG A 210 -1.47 -2.49 17.97
N TRP A 211 -0.24 -3.03 17.95
CA TRP A 211 0.93 -2.19 17.73
C TRP A 211 0.99 -1.76 16.26
N ILE A 212 1.42 -0.52 16.00
CA ILE A 212 1.61 -0.07 14.62
C ILE A 212 2.76 -0.82 13.93
N GLY A 213 3.66 -1.41 14.74
CA GLY A 213 4.68 -2.30 14.20
C GLY A 213 5.86 -1.52 13.64
N ASN A 214 5.97 -0.25 14.04
CA ASN A 214 7.01 0.64 13.51
C ASN A 214 7.60 1.34 14.73
N GLU A 215 8.92 1.20 14.93
CA GLU A 215 9.58 1.77 16.10
C GLU A 215 9.50 3.30 16.14
N ARG A 216 9.43 3.94 14.97
CA ARG A 216 9.43 5.40 14.94
C ARG A 216 8.05 5.99 15.23
N GLY A 217 7.02 5.13 15.21
CA GLY A 217 5.67 5.61 15.48
C GLY A 217 5.01 6.01 14.16
N TYR A 218 5.57 5.58 13.04
CA TYR A 218 5.03 6.03 11.76
C TYR A 218 4.03 5.01 11.22
N ALA A 219 2.82 5.46 10.89
CA ALA A 219 1.81 4.60 10.27
C ALA A 219 2.22 4.19 8.87
N GLY A 220 1.80 2.99 8.44
CA GLY A 220 1.99 2.67 7.03
C GLY A 220 1.01 3.45 6.15
N ASP A 221 1.30 3.48 4.84
CA ASP A 221 0.34 3.99 3.90
C ASP A 221 0.10 2.88 2.88
N PRO A 222 -1.11 2.31 2.82
CA PRO A 222 -2.29 2.82 3.57
C PRO A 222 -2.25 2.38 5.03
N LEU A 223 -3.19 2.91 5.84
CA LEU A 223 -3.44 2.44 7.20
C LEU A 223 -4.92 2.11 7.31
N TRP A 224 -5.22 0.83 7.17
CA TRP A 224 -6.54 0.32 7.49
C TRP A 224 -6.61 0.00 8.98
N GLN A 225 -7.61 0.61 9.66
CA GLN A 225 -7.77 0.39 11.08
C GLN A 225 -8.65 -0.84 11.28
N LYS A 226 -8.15 -1.95 10.73
CA LYS A 226 -8.86 -3.22 10.80
C LYS A 226 -7.90 -4.36 10.48
N VAL A 227 -8.20 -5.54 11.04
CA VAL A 227 -7.34 -6.69 10.77
C VAL A 227 -8.18 -7.96 10.74
N ASN A 228 -7.55 -9.02 10.24
CA ASN A 228 -8.01 -10.40 10.39
C ASN A 228 -7.33 -10.98 11.63
N PRO A 229 -8.11 -11.37 12.67
CA PRO A 229 -7.52 -11.82 13.93
C PRO A 229 -6.64 -13.05 13.77
N ASP A 230 -6.86 -13.82 12.70
CA ASP A 230 -6.06 -15.01 12.47
C ASP A 230 -4.68 -14.65 11.92
N LYS A 231 -4.45 -13.37 11.60
CA LYS A 231 -3.14 -12.98 11.11
C LYS A 231 -2.35 -12.18 12.14
N LEU A 232 -2.80 -12.22 13.39
CA LEU A 232 -1.99 -11.56 14.40
C LEU A 232 -1.21 -12.57 15.22
N GLY A 233 -1.13 -12.35 16.54
CA GLY A 233 -0.24 -13.14 17.38
C GLY A 233 1.19 -12.60 17.42
N THR A 234 2.07 -13.28 18.16
CA THR A 234 3.42 -12.75 18.33
C THR A 234 4.26 -12.87 17.05
N GLU A 235 3.79 -13.69 16.10
CA GLU A 235 4.49 -13.87 14.83
C GLU A 235 3.86 -13.02 13.73
N ALA A 236 2.95 -12.09 14.08
CA ALA A 236 2.36 -11.21 13.06
C ALA A 236 3.46 -10.51 12.26
N GLU A 237 3.21 -10.32 10.96
CA GLU A 237 4.19 -9.64 10.11
C GLU A 237 4.12 -8.14 10.41
N LEU A 238 5.27 -7.47 10.51
CA LEU A 238 5.33 -6.05 10.87
C LEU A 238 4.60 -5.21 9.81
N ASN A 239 4.84 -5.54 8.53
CA ASN A 239 4.08 -4.88 7.46
C ASN A 239 2.57 -4.99 7.67
N TYR A 240 2.08 -6.07 8.25
CA TYR A 240 0.64 -6.23 8.42
C TYR A 240 0.15 -5.31 9.54
N LEU A 241 0.95 -5.19 10.62
CA LEU A 241 0.56 -4.28 11.70
C LEU A 241 0.51 -2.85 11.17
N GLN A 242 1.50 -2.51 10.31
CA GLN A 242 1.71 -1.14 9.89
C GLN A 242 0.62 -0.62 8.94
N HIS A 243 0.02 -1.50 8.15
CA HIS A 243 -0.95 -1.11 7.13
C HIS A 243 -2.36 -1.55 7.52
N GLY A 244 -2.44 -2.49 8.46
CA GLY A 244 -3.71 -3.20 8.64
C GLY A 244 -4.09 -4.05 7.43
N ASP A 245 -5.36 -4.41 7.35
CA ASP A 245 -5.84 -5.33 6.31
C ASP A 245 -7.02 -4.72 5.57
N PRO A 246 -6.92 -4.48 4.25
CA PRO A 246 -8.05 -3.91 3.51
C PRO A 246 -9.32 -4.73 3.62
N SER A 247 -9.22 -6.02 3.92
CA SER A 247 -10.40 -6.86 4.15
C SER A 247 -10.48 -7.35 5.61
N GLY A 248 -9.97 -6.57 6.57
CA GLY A 248 -10.02 -7.01 7.97
C GLY A 248 -11.46 -7.11 8.48
N THR A 249 -11.68 -8.03 9.43
CA THR A 249 -13.01 -8.30 9.96
C THR A 249 -13.24 -7.79 11.39
N ILE A 250 -12.22 -7.18 12.02
CA ILE A 250 -12.41 -6.53 13.31
C ILE A 250 -11.82 -5.13 13.18
N PHE A 251 -12.48 -4.16 13.81
CA PHE A 251 -11.89 -2.84 13.89
C PHE A 251 -10.74 -2.89 14.91
N SER A 252 -9.57 -2.37 14.48
CA SER A 252 -8.37 -2.43 15.31
C SER A 252 -7.62 -1.12 15.12
N ILE A 253 -7.18 -0.48 16.22
CA ILE A 253 -6.42 0.77 16.16
C ILE A 253 -4.97 0.37 16.17
N GLY A 254 -4.21 0.84 15.17
CA GLY A 254 -2.77 0.60 15.15
C GLY A 254 -2.02 1.70 15.93
N GLU A 255 -1.87 1.52 17.25
CA GLU A 255 -1.40 2.59 18.12
C GLU A 255 0.09 2.86 17.83
N ALA A 256 0.45 4.15 17.74
CA ALA A 256 1.86 4.48 17.55
C ALA A 256 2.50 4.73 18.92
N ASP A 257 3.51 3.91 19.28
CA ASP A 257 4.10 4.05 20.62
C ASP A 257 5.53 4.57 20.47
N VAL A 258 5.87 5.68 21.14
CA VAL A 258 7.18 6.32 20.88
C VAL A 258 7.63 6.91 22.20
N SER A 259 8.95 6.80 22.49
CA SER A 259 9.42 7.48 23.69
C SER A 259 9.89 8.87 23.28
N ILE A 260 9.66 9.85 24.16
CA ILE A 260 10.23 11.18 23.93
C ILE A 260 11.77 11.15 23.97
N ARG A 261 12.41 10.10 24.52
CA ARG A 261 13.86 9.98 24.49
C ARG A 261 14.29 8.69 23.81
N PRO A 262 15.60 8.50 23.55
CA PRO A 262 16.06 7.25 22.97
C PRO A 262 15.66 6.02 23.79
N GLY A 263 15.79 6.15 25.14
CA GLY A 263 15.38 5.08 26.05
C GLY A 263 13.96 5.34 26.53
N TRP A 264 13.36 4.32 27.17
CA TRP A 264 12.05 4.47 27.77
C TRP A 264 12.13 4.90 29.24
N PHE A 265 13.21 4.53 29.94
CA PHE A 265 13.46 5.07 31.27
C PHE A 265 14.34 6.31 31.18
N TYR A 266 14.42 7.09 32.26
CA TYR A 266 15.21 8.32 32.33
C TYR A 266 16.71 7.99 32.34
N HIS A 267 17.47 8.67 31.46
CA HIS A 267 18.93 8.68 31.46
C HIS A 267 19.44 10.10 31.34
N GLU A 268 20.35 10.48 32.25
CA GLU A 268 20.81 11.86 32.34
C GLU A 268 21.39 12.36 31.00
N ASP A 269 22.11 11.50 30.28
CA ASP A 269 22.86 11.91 29.10
C ASP A 269 21.97 11.83 27.84
N GLN A 270 20.63 11.66 28.03
CA GLN A 270 19.67 11.68 26.94
C GLN A 270 18.87 12.98 26.98
N ASP A 271 18.28 13.32 25.84
CA ASP A 271 17.51 14.55 25.67
C ASP A 271 16.20 14.24 24.96
N PRO A 272 15.13 15.02 25.21
CA PRO A 272 13.89 14.78 24.46
C PRO A 272 14.07 15.13 22.99
N LYS A 273 13.25 14.45 22.15
CA LYS A 273 13.16 14.72 20.74
C LYS A 273 12.86 16.20 20.53
N SER A 274 13.50 16.73 19.48
CA SER A 274 13.22 18.09 19.06
C SER A 274 11.76 18.29 18.69
N LEU A 275 11.33 19.55 18.78
CA LEU A 275 10.00 19.90 18.32
C LEU A 275 9.81 19.41 16.88
N GLU A 276 10.83 19.65 16.02
CA GLU A 276 10.77 19.21 14.62
C GLU A 276 10.46 17.73 14.52
N GLU A 277 11.09 16.90 15.38
CA GLU A 277 10.93 15.46 15.24
C GLU A 277 9.56 15.06 15.77
N LEU A 278 9.15 15.71 16.87
CA LEU A 278 7.81 15.43 17.41
C LEU A 278 6.71 15.78 16.42
N VAL A 279 6.91 16.90 15.70
CA VAL A 279 5.98 17.29 14.66
C VAL A 279 5.95 16.25 13.54
N GLU A 280 7.11 15.81 13.07
CA GLU A 280 7.07 14.75 12.06
C GLU A 280 6.29 13.54 12.59
N ILE A 281 6.64 13.08 13.80
CA ILE A 281 5.94 11.92 14.36
C ILE A 281 4.43 12.19 14.40
N TYR A 282 4.01 13.39 14.85
CA TYR A 282 2.59 13.70 14.87
C TYR A 282 1.92 13.55 13.49
N PHE A 283 2.52 14.12 12.45
CA PHE A 283 1.92 14.01 11.14
C PHE A 283 1.88 12.56 10.67
N HIS A 284 2.83 11.72 11.09
CA HIS A 284 2.90 10.34 10.62
C HIS A 284 2.09 9.36 11.49
N SER A 285 1.39 9.89 12.51
CA SER A 285 0.59 9.06 13.43
C SER A 285 -0.84 9.59 13.50
N VAL A 286 -1.05 10.68 14.24
CA VAL A 286 -2.34 11.35 14.34
C VAL A 286 -2.77 11.84 12.95
N GLY A 287 -1.82 12.33 12.15
CA GLY A 287 -2.12 12.81 10.80
C GLY A 287 -2.39 11.66 9.84
N ARG A 288 -2.21 10.39 10.26
CA ARG A 288 -2.59 9.24 9.43
C ARG A 288 -3.76 8.48 10.08
N GLY A 289 -4.43 9.12 11.04
CA GLY A 289 -5.67 8.50 11.53
C GLY A 289 -5.49 7.58 12.73
N THR A 290 -4.35 7.67 13.43
CA THR A 290 -4.13 6.79 14.56
C THR A 290 -3.53 7.54 15.74
N PRO A 291 -3.78 7.11 17.01
CA PRO A 291 -3.25 7.83 18.18
C PRO A 291 -1.75 7.67 18.40
N LEU A 292 -1.17 8.71 19.03
CA LEU A 292 0.20 8.68 19.48
C LEU A 292 0.22 8.48 21.00
N LEU A 293 0.88 7.40 21.40
CA LEU A 293 1.24 7.12 22.79
C LEU A 293 2.71 7.48 23.01
N LEU A 294 2.94 8.55 23.79
CA LEU A 294 4.28 9.11 23.89
C LEU A 294 4.77 8.92 25.33
N ASN A 295 5.89 8.21 25.43
CA ASN A 295 6.45 7.93 26.74
C ASN A 295 7.23 9.13 27.27
N ILE A 296 6.95 9.52 28.53
CA ILE A 296 7.74 10.52 29.23
C ILE A 296 8.29 9.90 30.52
N PRO A 297 9.62 9.70 30.69
CA PRO A 297 10.12 9.04 31.91
C PRO A 297 10.53 9.99 33.04
N PRO A 298 9.94 9.91 34.24
CA PRO A 298 10.37 10.76 35.34
C PRO A 298 11.80 10.42 35.78
N ASN A 299 12.50 11.39 36.39
CA ASN A 299 13.90 11.18 36.78
C ASN A 299 14.00 10.50 38.14
N GLN A 300 15.22 10.48 38.72
CA GLN A 300 15.44 9.84 40.02
C GLN A 300 14.75 10.59 41.16
N ALA A 301 14.43 11.88 40.98
CA ALA A 301 13.68 12.66 41.96
C ALA A 301 12.19 12.35 41.89
N GLY A 302 11.78 11.55 40.90
CA GLY A 302 10.37 11.27 40.67
C GLY A 302 9.68 12.42 39.93
N LEU A 303 10.43 13.17 39.12
CA LEU A 303 9.84 14.32 38.45
C LEU A 303 10.10 14.25 36.93
N PHE A 304 9.22 14.83 36.11
CA PHE A 304 9.62 14.96 34.71
C PHE A 304 10.80 15.93 34.60
N ASP A 305 11.71 15.59 33.69
CA ASP A 305 12.82 16.46 33.34
C ASP A 305 12.32 17.81 32.85
N ALA A 306 12.96 18.91 33.32
CA ALA A 306 12.55 20.24 32.89
C ALA A 306 12.62 20.45 31.36
N LYS A 307 13.59 19.81 30.67
CA LYS A 307 13.68 19.94 29.22
C LYS A 307 12.48 19.26 28.58
N ASP A 308 12.10 18.11 29.15
CA ASP A 308 10.98 17.36 28.57
C ASP A 308 9.68 18.15 28.80
N ILE A 309 9.49 18.75 29.98
CA ILE A 309 8.29 19.54 30.25
C ILE A 309 8.22 20.70 29.26
N GLU A 310 9.32 21.45 29.11
CA GLU A 310 9.29 22.57 28.14
C GLU A 310 8.91 22.08 26.73
N ARG A 311 9.46 20.94 26.33
CA ARG A 311 9.19 20.39 25.00
C ARG A 311 7.71 20.07 24.81
N LEU A 312 7.05 19.49 25.82
CA LEU A 312 5.61 19.22 25.69
C LEU A 312 4.80 20.51 25.51
N TYR A 313 5.18 21.59 26.22
CA TYR A 313 4.49 22.85 26.01
C TYR A 313 4.73 23.40 24.61
N GLU A 314 5.96 23.30 24.11
CA GLU A 314 6.26 23.74 22.74
C GLU A 314 5.44 22.96 21.71
N PHE A 315 5.30 21.64 21.93
CA PHE A 315 4.56 20.76 21.03
C PHE A 315 3.09 21.16 21.07
N ALA A 316 2.54 21.40 22.28
CA ALA A 316 1.14 21.80 22.45
C ALA A 316 0.88 23.14 21.76
N THR A 317 1.82 24.08 21.92
CA THR A 317 1.72 25.37 21.26
C THR A 317 1.77 25.22 19.74
N TYR A 318 2.62 24.31 19.24
CA TYR A 318 2.68 24.09 17.79
C TYR A 318 1.29 23.64 17.32
N ARG A 319 0.69 22.69 18.05
CA ARG A 319 -0.56 22.10 17.57
C ARG A 319 -1.68 23.15 17.62
N ASN A 320 -1.68 23.94 18.69
CA ASN A 320 -2.77 24.88 18.90
C ASN A 320 -2.71 25.97 17.84
N GLU A 321 -1.50 26.35 17.43
CA GLU A 321 -1.28 27.34 16.38
C GLU A 321 -1.69 26.74 15.03
N LEU A 322 -1.25 25.50 14.75
CA LEU A 322 -1.64 24.83 13.52
C LEU A 322 -3.16 24.91 13.29
N TYR A 323 -3.94 24.63 14.33
CA TYR A 323 -5.35 24.39 14.14
C TYR A 323 -6.18 25.65 14.42
N LYS A 324 -5.50 26.77 14.70
CA LYS A 324 -6.19 27.99 15.10
C LYS A 324 -7.12 28.47 13.99
N GLU A 325 -6.66 28.47 12.73
CA GLU A 325 -7.52 29.02 11.68
C GLU A 325 -7.79 27.96 10.59
N ASP A 326 -9.05 27.49 10.53
CA ASP A 326 -9.48 26.63 9.44
C ASP A 326 -9.85 27.48 8.22
N LEU A 327 -8.93 27.56 7.25
CA LEU A 327 -9.09 28.44 6.10
C LEU A 327 -10.15 27.92 5.13
N ALA A 328 -10.66 26.70 5.37
CA ALA A 328 -11.77 26.18 4.56
C ALA A 328 -13.14 26.37 5.20
N LEU A 329 -13.19 26.88 6.43
CA LEU A 329 -14.46 26.85 7.15
C LEU A 329 -15.45 27.75 6.42
N GLY A 330 -16.56 27.16 5.96
CA GLY A 330 -17.65 27.86 5.31
C GLY A 330 -17.42 28.08 3.81
N ALA A 331 -16.36 27.49 3.24
CA ALA A 331 -16.11 27.59 1.80
C ALA A 331 -17.26 26.94 1.04
N GLU A 332 -17.58 27.46 -0.15
CA GLU A 332 -18.56 26.86 -1.04
C GLU A 332 -17.96 25.59 -1.64
N VAL A 333 -18.76 24.52 -1.67
CA VAL A 333 -18.32 23.24 -2.22
C VAL A 333 -19.27 22.79 -3.32
N SER A 334 -18.69 22.28 -4.41
CA SER A 334 -19.51 21.71 -5.46
C SER A 334 -19.02 20.31 -5.80
N GLY A 335 -19.95 19.49 -6.30
CA GLY A 335 -19.64 18.09 -6.54
C GLY A 335 -20.90 17.27 -6.42
N PRO A 336 -20.84 15.95 -6.67
CA PRO A 336 -22.02 15.09 -6.52
C PRO A 336 -22.34 14.85 -5.05
N ALA A 337 -23.61 14.66 -4.74
CA ALA A 337 -23.99 14.32 -3.38
C ALA A 337 -25.19 13.40 -3.45
N LEU A 338 -25.32 12.50 -2.47
CA LEU A 338 -26.35 11.48 -2.42
C LEU A 338 -27.74 12.10 -2.28
N SER A 339 -27.86 13.09 -1.40
CA SER A 339 -29.12 13.74 -1.04
C SER A 339 -28.83 15.02 -0.28
N ALA A 340 -29.89 15.74 0.11
CA ALA A 340 -29.78 16.95 0.91
C ALA A 340 -29.14 16.62 2.26
N ASP A 341 -29.47 15.46 2.81
CA ASP A 341 -28.94 15.03 4.09
C ASP A 341 -27.42 14.82 4.04
N PHE A 342 -26.89 14.62 2.84
CA PHE A 342 -25.49 14.32 2.64
C PHE A 342 -24.85 15.33 1.69
N ALA A 343 -25.27 16.59 1.83
CA ALA A 343 -24.92 17.67 0.93
C ALA A 343 -23.45 18.02 1.03
N CYS A 344 -22.92 18.56 -0.08
CA CYS A 344 -21.53 18.98 -0.13
C CYS A 344 -21.21 20.03 0.94
N ARG A 345 -22.19 20.89 1.28
CA ARG A 345 -21.97 21.98 2.23
C ARG A 345 -21.60 21.43 3.61
N HIS A 346 -21.95 20.16 3.90
CA HIS A 346 -21.62 19.55 5.19
C HIS A 346 -20.10 19.46 5.41
N LEU A 347 -19.32 19.56 4.32
CA LEU A 347 -17.88 19.36 4.46
C LEU A 347 -17.19 20.50 5.19
N THR A 348 -17.80 21.70 5.14
CA THR A 348 -17.17 22.90 5.66
C THR A 348 -18.13 23.68 6.57
N ASP A 349 -19.12 23.01 7.15
CA ASP A 349 -20.16 23.71 7.90
C ASP A 349 -19.83 23.85 9.39
N GLY A 350 -18.71 23.28 9.85
CA GLY A 350 -18.31 23.31 11.25
C GLY A 350 -19.19 22.47 12.17
N LEU A 351 -19.98 21.53 11.61
CA LEU A 351 -20.87 20.70 12.42
C LEU A 351 -20.33 19.26 12.55
N GLU A 352 -20.36 18.69 13.77
CA GLU A 352 -19.98 17.30 13.95
C GLU A 352 -21.16 16.37 13.64
N THR A 353 -22.36 16.94 13.55
CA THR A 353 -23.61 16.24 13.28
C THR A 353 -23.69 15.76 11.83
N SER A 354 -22.82 16.29 10.95
CA SER A 354 -23.15 16.28 9.53
C SER A 354 -22.07 15.65 8.65
N SER A 355 -22.50 15.08 7.51
CA SER A 355 -21.54 14.48 6.60
C SER A 355 -21.98 14.68 5.15
N TRP A 356 -20.99 14.55 4.26
CA TRP A 356 -21.24 14.43 2.83
C TRP A 356 -21.07 12.96 2.40
N ALA A 357 -21.77 12.55 1.32
CA ALA A 357 -21.67 11.18 0.79
C ALA A 357 -22.10 11.20 -0.66
N SER A 358 -21.53 10.32 -1.51
CA SER A 358 -21.98 10.21 -2.89
C SER A 358 -21.76 8.79 -3.35
N ASP A 359 -22.74 8.28 -4.13
CA ASP A 359 -22.59 7.00 -4.81
C ASP A 359 -22.31 7.18 -6.30
N ALA A 360 -21.81 8.36 -6.71
CA ALA A 360 -21.47 8.63 -8.10
C ALA A 360 -20.28 7.79 -8.56
N ASP A 361 -20.14 7.56 -9.87
CA ASP A 361 -19.02 6.73 -10.29
C ASP A 361 -17.73 7.46 -9.94
N LEU A 362 -16.71 6.70 -9.55
CA LEU A 362 -15.40 7.31 -9.27
C LEU A 362 -14.75 7.62 -10.61
N PRO A 363 -13.83 8.60 -10.73
CA PRO A 363 -13.44 9.45 -9.61
C PRO A 363 -14.48 10.50 -9.26
N ILE A 364 -14.58 10.78 -7.95
CA ILE A 364 -15.48 11.83 -7.49
C ILE A 364 -14.68 13.09 -7.18
N GLN A 365 -15.16 14.21 -7.73
CA GLN A 365 -14.42 15.45 -7.54
C GLN A 365 -15.25 16.43 -6.72
N LEU A 366 -14.61 16.94 -5.64
CA LEU A 366 -15.20 18.00 -4.83
C LEU A 366 -14.36 19.24 -5.05
N GLU A 367 -15.02 20.38 -5.26
CA GLU A 367 -14.26 21.60 -5.45
C GLU A 367 -14.72 22.58 -4.39
N LEU A 368 -13.72 23.22 -3.78
CA LEU A 368 -13.97 24.22 -2.77
C LEU A 368 -13.58 25.56 -3.35
N ASP A 369 -14.43 26.57 -3.09
CA ASP A 369 -14.10 27.95 -3.40
C ASP A 369 -14.04 28.69 -2.08
N LEU A 370 -12.83 29.12 -1.71
CA LEU A 370 -12.53 29.73 -0.42
C LEU A 370 -13.06 31.16 -0.39
N GLY A 371 -13.36 31.72 -1.57
CA GLY A 371 -14.00 33.02 -1.63
C GLY A 371 -13.00 34.17 -1.69
N SER A 372 -11.76 33.88 -1.29
CA SER A 372 -10.61 34.75 -1.51
C SER A 372 -9.36 33.88 -1.47
N PRO A 373 -8.22 34.32 -2.05
CA PRO A 373 -6.98 33.53 -2.03
C PRO A 373 -6.48 33.36 -0.60
N LYS A 374 -6.23 32.11 -0.22
CA LYS A 374 -5.74 31.81 1.11
C LYS A 374 -4.43 31.06 1.03
N THR A 375 -3.59 31.21 2.08
CA THR A 375 -2.26 30.63 2.10
C THR A 375 -2.25 29.46 3.09
N PHE A 376 -1.94 28.24 2.58
CA PHE A 376 -1.99 27.03 3.36
C PHE A 376 -0.95 25.99 2.91
N ASP A 377 -0.68 25.02 3.79
CA ASP A 377 0.23 23.95 3.42
C ASP A 377 -0.21 22.61 3.98
N VAL A 378 -1.38 22.59 4.64
CA VAL A 378 -2.03 21.37 5.16
C VAL A 378 -3.50 21.29 4.80
N ILE A 379 -3.96 20.09 4.37
CA ILE A 379 -5.39 19.83 4.26
C ILE A 379 -5.70 18.65 5.19
N GLU A 380 -6.82 18.74 5.89
CA GLU A 380 -7.32 17.68 6.75
C GLU A 380 -8.60 17.12 6.12
N LEU A 381 -8.74 15.78 6.06
CA LEU A 381 -9.97 15.11 5.64
C LEU A 381 -10.34 14.12 6.75
N ARG A 382 -11.64 13.87 6.93
CA ARG A 382 -12.12 12.88 7.89
C ARG A 382 -13.28 12.08 7.30
N GLU A 383 -13.24 10.74 7.50
CA GLU A 383 -14.36 9.90 7.10
C GLU A 383 -15.32 9.83 8.29
N ASP A 384 -16.53 9.29 8.08
CA ASP A 384 -17.41 9.00 9.22
C ASP A 384 -17.29 7.51 9.57
N LEU A 385 -16.42 7.18 10.53
CA LEU A 385 -16.09 5.79 10.74
C LEU A 385 -17.25 5.06 11.44
N LYS A 386 -18.27 5.77 11.89
CA LYS A 386 -19.47 5.07 12.36
C LYS A 386 -20.14 4.24 11.24
N LEU A 387 -19.84 4.54 9.97
CA LEU A 387 -20.34 3.76 8.84
C LEU A 387 -19.24 2.89 8.23
N GLY A 388 -18.02 2.96 8.81
CA GLY A 388 -16.90 2.11 8.44
C GLY A 388 -15.89 2.85 7.57
N GLN A 389 -14.62 2.40 7.63
CA GLN A 389 -13.57 2.99 6.79
C GLN A 389 -13.70 2.58 5.31
N ARG A 390 -13.49 3.51 4.35
CA ARG A 390 -13.83 3.26 2.94
C ARG A 390 -12.75 3.73 1.96
N ILE A 391 -12.26 4.96 2.13
CA ILE A 391 -11.52 5.56 1.01
C ILE A 391 -10.14 4.88 0.90
N ALA A 392 -9.70 4.63 -0.35
CA ALA A 392 -8.52 3.83 -0.59
C ALA A 392 -7.48 4.63 -1.38
N ALA A 393 -7.95 5.63 -2.12
CA ALA A 393 -7.04 6.55 -2.81
C ALA A 393 -7.71 7.90 -3.06
N PHE A 394 -6.94 8.98 -2.93
CA PHE A 394 -7.46 10.31 -3.20
C PHE A 394 -6.27 11.20 -3.58
N HIS A 395 -6.56 12.33 -4.23
CA HIS A 395 -5.53 13.34 -4.42
C HIS A 395 -6.15 14.72 -4.32
N VAL A 396 -5.29 15.71 -4.15
CA VAL A 396 -5.72 17.08 -3.91
C VAL A 396 -5.04 18.04 -4.90
N GLN A 397 -5.84 18.92 -5.50
CA GLN A 397 -5.27 19.81 -6.51
C GLN A 397 -5.58 21.23 -6.09
N VAL A 398 -4.74 22.20 -6.53
CA VAL A 398 -4.96 23.59 -6.16
C VAL A 398 -4.82 24.46 -7.39
N GLU A 399 -5.56 25.56 -7.41
CA GLU A 399 -5.48 26.49 -8.53
C GLU A 399 -4.60 27.67 -8.12
N VAL A 400 -3.42 27.76 -8.73
CA VAL A 400 -2.42 28.75 -8.36
C VAL A 400 -2.18 29.61 -9.60
N ASP A 401 -2.44 30.92 -9.47
CA ASP A 401 -2.34 31.86 -10.58
C ASP A 401 -3.13 31.35 -11.79
N GLY A 402 -4.35 30.87 -11.55
CA GLY A 402 -5.25 30.46 -12.62
C GLY A 402 -4.88 29.15 -13.30
N VAL A 403 -3.95 28.35 -12.73
CA VAL A 403 -3.57 27.10 -13.35
C VAL A 403 -3.64 25.99 -12.29
N TRP A 404 -4.33 24.88 -12.60
CA TRP A 404 -4.45 23.75 -11.67
C TRP A 404 -3.14 22.98 -11.61
N GLN A 405 -2.73 22.61 -10.38
CA GLN A 405 -1.51 21.88 -10.10
C GLN A 405 -1.82 20.91 -8.96
N GLU A 406 -1.00 19.86 -8.85
CA GLU A 406 -1.19 18.83 -7.83
C GLU A 406 -0.61 19.32 -6.50
N PHE A 407 -1.33 19.04 -5.41
CA PHE A 407 -0.91 19.54 -4.10
C PHE A 407 -0.35 18.36 -3.29
N GLY A 408 -1.05 17.24 -3.37
CA GLY A 408 -0.63 16.06 -2.61
C GLY A 408 -1.58 14.90 -2.88
N SER A 409 -1.19 13.70 -2.46
CA SER A 409 -2.05 12.55 -2.70
C SER A 409 -1.90 11.59 -1.52
N GLY A 410 -2.88 10.71 -1.40
CA GLY A 410 -2.84 9.75 -0.31
C GLY A 410 -3.69 8.53 -0.63
N HIS A 411 -3.81 7.65 0.37
CA HIS A 411 -4.56 6.44 0.17
C HIS A 411 -5.72 6.39 1.14
N THR A 412 -5.45 5.91 2.33
CA THR A 412 -6.53 5.95 3.32
C THR A 412 -6.75 7.35 3.89
N VAL A 413 -7.96 7.61 4.42
CA VAL A 413 -8.21 8.83 5.17
C VAL A 413 -8.40 8.42 6.63
N GLY A 414 -9.45 7.64 6.87
CA GLY A 414 -9.69 7.16 8.21
C GLY A 414 -10.35 8.22 9.09
N TYR A 415 -10.00 8.19 10.38
CA TYR A 415 -10.64 9.07 11.34
C TYR A 415 -10.24 10.50 11.03
N LYS A 416 -8.99 10.66 10.55
CA LYS A 416 -8.46 11.97 10.27
C LYS A 416 -7.16 11.79 9.51
N ARG A 417 -7.04 12.55 8.41
CA ARG A 417 -5.81 12.56 7.62
C ARG A 417 -5.34 13.99 7.53
N LEU A 418 -4.07 14.24 7.89
CA LEU A 418 -3.48 15.55 7.63
C LEU A 418 -2.49 15.38 6.48
N LEU A 419 -2.72 16.09 5.36
CA LEU A 419 -1.80 15.93 4.23
C LEU A 419 -1.07 17.25 4.01
N ARG A 420 0.27 17.21 4.12
CA ARG A 420 1.12 18.38 3.90
C ARG A 420 1.49 18.51 2.43
N GLY A 421 1.62 19.77 1.99
CA GLY A 421 2.11 20.08 0.66
C GLY A 421 2.95 21.36 0.72
N ALA A 422 3.67 21.65 -0.37
CA ALA A 422 4.39 22.91 -0.45
C ALA A 422 3.38 24.03 -0.26
N VAL A 423 3.72 25.10 0.47
CA VAL A 423 2.79 26.19 0.72
C VAL A 423 2.40 26.83 -0.60
N VAL A 424 1.09 27.08 -0.73
CA VAL A 424 0.53 27.73 -1.90
C VAL A 424 -0.43 28.82 -1.44
N GLU A 425 -0.64 29.82 -2.29
CA GLU A 425 -1.80 30.69 -2.21
C GLU A 425 -2.77 30.30 -3.32
N ALA A 426 -3.98 29.93 -2.91
CA ALA A 426 -5.03 29.49 -3.82
C ALA A 426 -6.38 29.87 -3.24
N GLN A 427 -7.33 30.07 -4.16
CA GLN A 427 -8.73 30.27 -3.83
C GLN A 427 -9.55 29.01 -4.10
N LYS A 428 -9.14 28.19 -5.07
CA LYS A 428 -9.91 26.96 -5.29
C LYS A 428 -9.03 25.75 -5.05
N ILE A 429 -9.66 24.69 -4.54
CA ILE A 429 -9.03 23.43 -4.22
C ILE A 429 -9.96 22.31 -4.70
N ARG A 430 -9.39 21.22 -5.23
CA ARG A 430 -10.20 20.05 -5.47
C ARG A 430 -9.71 18.90 -4.58
N VAL A 431 -10.65 18.13 -4.01
CA VAL A 431 -10.40 16.81 -3.42
C VAL A 431 -10.95 15.73 -4.35
N VAL A 432 -10.12 14.84 -4.87
CA VAL A 432 -10.59 13.87 -5.86
C VAL A 432 -10.44 12.49 -5.25
N ILE A 433 -11.57 11.81 -5.04
CA ILE A 433 -11.54 10.44 -4.55
C ILE A 433 -11.54 9.46 -5.72
N THR A 434 -10.46 8.66 -5.79
CA THR A 434 -10.25 7.80 -6.95
C THR A 434 -10.50 6.32 -6.70
N GLU A 435 -10.34 5.87 -5.44
CA GLU A 435 -10.62 4.50 -5.09
C GLU A 435 -11.30 4.51 -3.73
N SER A 436 -12.30 3.65 -3.60
CA SER A 436 -13.00 3.55 -2.33
C SER A 436 -13.69 2.18 -2.24
N GLN A 437 -13.69 1.56 -1.05
CA GLN A 437 -14.24 0.22 -0.87
C GLN A 437 -15.78 0.17 -0.88
N ALA A 438 -16.40 1.32 -0.58
CA ALA A 438 -17.84 1.51 -0.72
C ALA A 438 -18.05 2.99 -0.98
N LEU A 439 -19.32 3.43 -1.03
CA LEU A 439 -19.54 4.81 -1.46
C LEU A 439 -18.92 5.68 -0.38
N PRO A 440 -18.13 6.72 -0.78
CA PRO A 440 -17.38 7.49 0.19
C PRO A 440 -18.27 8.46 0.96
N LEU A 441 -17.92 8.66 2.23
CA LEU A 441 -18.39 9.80 3.01
C LEU A 441 -17.20 10.59 3.53
N LEU A 442 -17.39 11.90 3.71
CA LEU A 442 -16.47 12.71 4.50
C LEU A 442 -17.30 13.59 5.42
N THR A 443 -16.78 13.82 6.62
CA THR A 443 -17.44 14.70 7.58
C THR A 443 -16.84 16.10 7.58
N LYS A 444 -15.64 16.28 7.00
CA LYS A 444 -14.91 17.52 7.13
C LYS A 444 -13.77 17.61 6.13
N ILE A 445 -13.60 18.81 5.53
CA ILE A 445 -12.39 19.23 4.85
C ILE A 445 -12.02 20.58 5.47
N SER A 446 -10.78 20.66 5.94
CA SER A 446 -10.18 21.86 6.54
C SER A 446 -8.84 22.16 5.88
N LEU A 447 -8.40 23.42 6.01
CA LEU A 447 -7.10 23.82 5.49
C LEU A 447 -6.42 24.63 6.59
N TYR A 448 -5.11 24.38 6.73
CA TYR A 448 -4.34 25.13 7.71
C TYR A 448 -3.00 25.56 7.13
N LYS A 449 -2.42 26.57 7.80
CA LYS A 449 -1.04 26.91 7.55
C LYS A 449 -0.19 26.52 8.76
N THR A 450 0.93 25.80 8.55
CA THR A 450 1.74 25.36 9.68
C THR A 450 2.39 26.58 10.33
N PRO A 451 2.57 26.57 11.69
CA PRO A 451 3.21 27.69 12.39
C PRO A 451 4.63 27.93 11.91
N LYS B 3 -6.79 -25.30 -46.82
CA LYS B 3 -6.00 -24.62 -45.76
C LYS B 3 -6.93 -23.85 -44.85
N ILE B 4 -6.45 -23.61 -43.62
CA ILE B 4 -7.22 -22.83 -42.67
C ILE B 4 -6.96 -21.36 -42.96
N LYS B 5 -8.03 -20.61 -43.25
CA LYS B 5 -7.94 -19.19 -43.51
C LYS B 5 -7.84 -18.46 -42.18
N PRO B 6 -7.21 -17.27 -42.15
CA PRO B 6 -7.13 -16.49 -40.91
C PRO B 6 -8.52 -16.05 -40.51
N HIS B 7 -8.63 -15.61 -39.26
CA HIS B 7 -9.86 -14.97 -38.79
C HIS B 7 -9.49 -13.72 -37.99
N GLY B 8 -10.11 -12.59 -38.31
CA GLY B 8 -9.86 -11.36 -37.56
C GLY B 8 -8.47 -10.81 -37.84
N PRO B 9 -8.09 -9.72 -37.13
CA PRO B 9 -6.81 -9.08 -37.37
C PRO B 9 -5.70 -9.97 -36.84
N LEU B 10 -4.54 -9.96 -37.54
CA LEU B 10 -3.47 -10.83 -37.13
C LEU B 10 -2.42 -9.99 -36.38
N PRO B 11 -1.75 -10.54 -35.34
CA PRO B 11 -0.79 -9.73 -34.60
C PRO B 11 0.51 -9.58 -35.39
N SER B 12 1.23 -8.50 -35.14
CA SER B 12 2.57 -8.38 -35.73
C SER B 12 3.57 -9.29 -34.99
N GLN B 13 4.78 -9.41 -35.55
CA GLN B 13 5.80 -10.24 -34.90
C GLN B 13 6.15 -9.64 -33.54
N THR B 14 6.17 -8.29 -33.48
CA THR B 14 6.54 -7.60 -32.25
C THR B 14 5.42 -7.71 -31.21
N GLN B 15 4.15 -7.73 -31.66
CA GLN B 15 3.08 -8.02 -30.72
C GLN B 15 3.21 -9.44 -30.17
N LEU B 16 3.50 -10.45 -31.02
CA LEU B 16 3.63 -11.82 -30.55
C LEU B 16 4.83 -11.94 -29.59
N ALA B 17 5.91 -11.21 -29.87
CA ALA B 17 7.07 -11.28 -28.99
C ALA B 17 6.71 -10.82 -27.56
N TYR B 18 5.92 -9.75 -27.46
CA TYR B 18 5.55 -9.22 -26.15
C TYR B 18 4.66 -10.21 -25.44
N LEU B 19 3.69 -10.78 -26.20
CA LEU B 19 2.81 -11.77 -25.61
C LEU B 19 3.62 -12.94 -25.04
N GLY B 20 4.65 -13.30 -25.80
CA GLY B 20 5.41 -14.47 -25.41
C GLY B 20 6.33 -14.16 -24.22
N ASP B 21 6.74 -12.89 -24.10
CA ASP B 21 7.70 -12.50 -23.06
C ASP B 21 6.98 -12.31 -21.72
N GLU B 22 5.70 -11.92 -21.76
CA GLU B 22 4.81 -11.90 -20.59
C GLU B 22 5.06 -10.81 -19.55
N LEU B 23 6.32 -10.48 -19.24
CA LEU B 23 6.60 -9.68 -18.07
C LEU B 23 7.53 -8.55 -18.45
N ALA B 24 7.10 -7.35 -18.12
CA ALA B 24 7.89 -6.15 -18.32
C ALA B 24 7.88 -5.34 -17.02
N ALA B 25 8.89 -4.45 -16.90
CA ALA B 25 8.97 -3.58 -15.73
C ALA B 25 8.89 -2.12 -16.17
N PHE B 26 8.23 -1.33 -15.31
CA PHE B 26 8.29 0.11 -15.41
C PHE B 26 9.24 0.59 -14.32
N ILE B 27 9.99 1.68 -14.60
CA ILE B 27 10.77 2.32 -13.54
C ILE B 27 10.40 3.79 -13.49
N HIS B 28 9.84 4.20 -12.35
CA HIS B 28 9.56 5.61 -12.05
C HIS B 28 10.57 6.12 -11.03
N PHE B 29 11.42 7.06 -11.46
CA PHE B 29 12.44 7.63 -10.59
C PHE B 29 12.61 9.06 -11.02
N GLY B 30 12.71 10.00 -10.08
CA GLY B 30 12.94 11.35 -10.57
C GLY B 30 12.78 12.32 -9.43
N PRO B 31 12.61 13.63 -9.71
CA PRO B 31 12.39 14.60 -8.65
C PRO B 31 11.31 14.14 -7.67
N ASN B 32 10.24 13.47 -8.17
CA ASN B 32 9.14 13.10 -7.28
C ASN B 32 9.67 12.20 -6.16
N THR B 33 10.74 11.45 -6.42
CA THR B 33 11.28 10.54 -5.42
C THR B 33 11.83 11.34 -4.24
N PHE B 34 12.44 12.49 -4.57
CA PHE B 34 13.12 13.37 -3.62
C PHE B 34 12.10 14.21 -2.85
N TYR B 35 10.92 14.41 -3.44
CA TYR B 35 9.90 15.24 -2.84
C TYR B 35 8.79 14.37 -2.26
N ASP B 36 8.96 13.04 -2.30
CA ASP B 36 8.02 12.13 -1.65
C ASP B 36 6.60 12.40 -2.12
N GLN B 37 6.41 12.38 -3.45
CA GLN B 37 5.13 12.74 -4.05
C GLN B 37 4.92 11.88 -5.29
N GLU B 38 3.70 11.96 -5.85
CA GLU B 38 3.33 11.17 -7.03
C GLU B 38 3.26 12.04 -8.31
N TRP B 39 2.99 13.35 -8.15
CA TRP B 39 2.88 14.27 -9.29
C TRP B 39 3.52 15.59 -8.88
N GLY B 40 4.37 16.11 -9.78
CA GLY B 40 5.09 17.34 -9.48
C GLY B 40 4.41 18.53 -10.14
N THR B 41 4.96 19.72 -9.83
CA THR B 41 4.42 21.00 -10.27
C THR B 41 5.25 21.57 -11.43
N GLY B 42 6.43 21.00 -11.69
CA GLY B 42 7.37 21.62 -12.60
C GLY B 42 8.22 22.71 -11.95
N GLN B 43 8.04 22.96 -10.64
CA GLN B 43 8.91 23.91 -9.98
C GLN B 43 9.87 23.21 -9.00
N GLU B 44 9.91 21.88 -9.06
CA GLU B 44 10.89 21.15 -8.24
C GLU B 44 12.33 21.59 -8.57
N ASP B 45 13.16 21.70 -7.52
CA ASP B 45 14.51 22.23 -7.64
C ASP B 45 15.44 21.13 -8.13
N PRO B 46 16.10 21.26 -9.31
CA PRO B 46 17.06 20.24 -9.79
C PRO B 46 18.17 19.96 -8.81
N GLU B 47 18.49 20.92 -7.94
CA GLU B 47 19.51 20.69 -6.91
C GLU B 47 19.18 19.47 -6.04
N ARG B 48 17.87 19.22 -5.81
CA ARG B 48 17.36 18.13 -5.00
C ARG B 48 17.58 16.77 -5.68
N PHE B 49 17.81 16.76 -7.00
CA PHE B 49 17.94 15.49 -7.72
C PHE B 49 19.39 15.04 -7.63
N ASN B 50 19.64 14.14 -6.66
CA ASN B 50 20.98 13.91 -6.17
C ASN B 50 21.04 12.55 -5.50
N PRO B 51 20.68 11.44 -6.18
CA PRO B 51 20.79 10.11 -5.56
C PRO B 51 22.22 9.80 -5.11
N SER B 52 22.38 9.24 -3.91
CA SER B 52 23.75 9.01 -3.44
C SER B 52 24.47 7.84 -4.13
N GLN B 53 23.75 6.82 -4.60
CA GLN B 53 24.45 5.63 -5.06
C GLN B 53 23.68 4.90 -6.15
N LEU B 54 23.22 5.65 -7.17
CA LEU B 54 22.40 5.05 -8.22
C LEU B 54 23.21 4.01 -9.00
N ASP B 55 22.62 2.83 -9.22
CA ASP B 55 23.27 1.77 -9.96
C ASP B 55 22.24 1.12 -10.87
N ALA B 56 22.14 1.65 -12.10
CA ALA B 56 21.23 1.10 -13.11
C ALA B 56 21.56 -0.34 -13.46
N ARG B 57 22.84 -0.72 -13.43
CA ARG B 57 23.12 -2.11 -13.77
C ARG B 57 22.50 -3.06 -12.73
N GLU B 58 22.42 -2.64 -11.46
CA GLU B 58 21.75 -3.44 -10.43
C GLU B 58 20.24 -3.49 -10.70
N TRP B 59 19.61 -2.38 -11.15
CA TRP B 59 18.20 -2.45 -11.52
C TRP B 59 18.03 -3.52 -12.59
N VAL B 60 18.89 -3.45 -13.64
CA VAL B 60 18.71 -4.34 -14.77
C VAL B 60 18.95 -5.80 -14.36
N ARG B 61 20.02 -6.05 -13.60
CA ARG B 61 20.43 -7.42 -13.23
C ARG B 61 19.29 -8.06 -12.45
N VAL B 62 18.73 -7.34 -11.48
CA VAL B 62 17.66 -7.94 -10.65
C VAL B 62 16.44 -8.24 -11.54
N LEU B 63 16.06 -7.30 -12.40
CA LEU B 63 14.90 -7.52 -13.25
C LEU B 63 15.14 -8.69 -14.20
N LYS B 64 16.36 -8.81 -14.74
CA LYS B 64 16.61 -9.92 -15.66
C LYS B 64 16.56 -11.24 -14.89
N GLU B 65 17.19 -11.26 -13.71
CA GLU B 65 17.24 -12.50 -12.96
C GLU B 65 15.87 -12.91 -12.47
N THR B 66 14.92 -11.98 -12.41
CA THR B 66 13.59 -12.25 -11.87
C THR B 66 12.53 -12.37 -12.96
N GLY B 67 12.97 -12.50 -14.22
CA GLY B 67 12.06 -12.95 -15.26
C GLY B 67 11.49 -11.83 -16.14
N PHE B 68 11.95 -10.60 -15.94
CA PHE B 68 11.42 -9.50 -16.72
C PHE B 68 12.18 -9.41 -18.03
N LYS B 69 11.48 -9.14 -19.14
CA LYS B 69 12.12 -9.17 -20.47
C LYS B 69 12.16 -7.79 -21.13
N LYS B 70 11.55 -6.79 -20.49
CA LYS B 70 11.51 -5.43 -20.98
C LYS B 70 11.49 -4.48 -19.78
N LEU B 71 12.14 -3.32 -19.93
CA LEU B 71 12.23 -2.24 -18.95
C LEU B 71 11.79 -0.93 -19.62
N ILE B 72 10.68 -0.37 -19.13
CA ILE B 72 10.22 0.92 -19.62
C ILE B 72 10.61 1.98 -18.61
N LEU B 73 11.52 2.84 -19.05
CA LEU B 73 12.06 3.88 -18.20
C LEU B 73 11.29 5.20 -18.39
N VAL B 74 10.85 5.77 -17.26
CA VAL B 74 10.28 7.11 -17.28
C VAL B 74 11.41 8.10 -17.45
N VAL B 75 11.40 8.83 -18.58
CA VAL B 75 12.45 9.79 -18.93
C VAL B 75 12.01 11.22 -18.62
N LYS B 76 10.70 11.49 -18.61
CA LYS B 76 10.19 12.79 -18.23
C LYS B 76 8.76 12.56 -17.75
N HIS B 77 8.55 12.81 -16.45
CA HIS B 77 7.22 12.62 -15.92
C HIS B 77 6.41 13.90 -16.08
N HIS B 78 5.23 13.94 -15.44
CA HIS B 78 4.31 15.07 -15.43
C HIS B 78 5.02 16.38 -15.10
N ASP B 79 5.99 16.33 -14.20
CA ASP B 79 6.73 17.51 -13.79
C ASP B 79 7.57 18.13 -14.90
N GLY B 80 7.98 17.35 -15.90
CA GLY B 80 8.69 17.90 -17.06
C GLY B 80 10.22 17.85 -16.95
N PHE B 81 10.74 17.33 -15.83
CA PHE B 81 12.17 17.26 -15.63
C PHE B 81 12.72 16.10 -16.44
N VAL B 82 13.72 16.39 -17.30
CA VAL B 82 14.15 15.43 -18.30
C VAL B 82 15.38 14.71 -17.74
N LEU B 83 15.39 13.38 -17.86
CA LEU B 83 16.42 12.62 -17.15
C LEU B 83 17.58 12.23 -18.05
N TYR B 84 17.69 12.86 -19.21
CA TYR B 84 18.93 12.72 -19.96
C TYR B 84 19.25 14.13 -20.41
N PRO B 85 20.49 14.39 -20.87
CA PRO B 85 20.92 15.74 -21.21
C PRO B 85 20.45 16.29 -22.55
N THR B 86 19.14 16.49 -22.66
CA THR B 86 18.43 16.87 -23.88
C THR B 86 18.88 18.26 -24.32
N ALA B 87 18.90 18.45 -25.64
CA ALA B 87 19.25 19.73 -26.25
C ALA B 87 18.09 20.73 -26.13
N HIS B 88 16.91 20.27 -25.71
CA HIS B 88 15.67 21.00 -25.99
C HIS B 88 15.03 21.70 -24.80
N THR B 89 15.56 21.52 -23.59
CA THR B 89 15.15 22.31 -22.44
C THR B 89 16.33 22.38 -21.49
N ASP B 90 16.35 23.37 -20.62
CA ASP B 90 17.36 23.46 -19.57
C ASP B 90 16.90 22.72 -18.34
N TYR B 91 15.64 22.25 -18.34
CA TYR B 91 15.11 21.61 -17.14
C TYR B 91 15.40 20.12 -17.18
N SER B 92 16.62 19.74 -16.80
CA SER B 92 17.10 18.38 -16.99
C SER B 92 18.25 18.08 -16.03
N VAL B 93 18.74 16.85 -16.10
CA VAL B 93 19.89 16.36 -15.36
C VAL B 93 21.10 17.29 -15.49
N LYS B 94 21.18 18.04 -16.60
CA LYS B 94 22.33 18.89 -16.89
C LYS B 94 22.53 19.91 -15.76
N VAL B 95 21.47 20.30 -15.05
CA VAL B 95 21.59 21.30 -14.00
C VAL B 95 21.38 20.69 -12.62
N SER B 96 21.58 19.38 -12.48
CA SER B 96 21.47 18.73 -11.19
C SER B 96 22.87 18.37 -10.70
N PRO B 97 23.08 18.16 -9.39
CA PRO B 97 24.41 17.77 -8.88
C PRO B 97 24.79 16.32 -9.19
N TRP B 98 23.79 15.54 -9.65
CA TRP B 98 24.01 14.13 -9.98
C TRP B 98 25.16 13.97 -10.99
N ARG B 99 26.12 13.12 -10.67
CA ARG B 99 27.24 12.82 -11.57
C ARG B 99 27.95 14.11 -12.00
N ARG B 100 27.94 15.10 -11.12
CA ARG B 100 28.63 16.36 -11.31
C ARG B 100 28.00 17.11 -12.46
N GLY B 101 26.72 16.82 -12.75
CA GLY B 101 25.98 17.45 -13.83
C GLY B 101 26.16 16.79 -15.19
N LYS B 102 26.90 15.68 -15.25
CA LYS B 102 27.21 15.05 -16.53
C LYS B 102 26.51 13.70 -16.58
N GLY B 103 25.41 13.56 -15.82
CA GLY B 103 24.70 12.29 -15.79
C GLY B 103 23.72 12.12 -16.96
N ASP B 104 23.44 10.85 -17.28
CA ASP B 104 22.46 10.52 -18.30
C ASP B 104 21.85 9.19 -17.90
N LEU B 105 20.67 9.27 -17.27
CA LEU B 105 20.06 8.05 -16.76
C LEU B 105 19.65 7.12 -17.90
N LEU B 106 19.21 7.68 -19.03
CA LEU B 106 18.82 6.87 -20.16
C LEU B 106 20.02 6.12 -20.71
N LEU B 107 21.21 6.75 -20.73
CA LEU B 107 22.42 6.05 -21.12
C LEU B 107 22.74 4.96 -20.11
N GLU B 108 22.66 5.26 -18.81
CA GLU B 108 23.16 4.30 -17.84
C GLU B 108 22.24 3.09 -17.92
N VAL B 109 20.95 3.35 -18.03
CA VAL B 109 20.07 2.19 -18.12
C VAL B 109 20.28 1.42 -19.42
N SER B 110 20.42 2.15 -20.54
CA SER B 110 20.56 1.54 -21.86
C SER B 110 21.82 0.66 -21.93
N GLN B 111 22.91 1.14 -21.33
CA GLN B 111 24.15 0.37 -21.31
C GLN B 111 23.98 -0.96 -20.57
N ALA B 112 23.34 -0.92 -19.40
CA ALA B 112 23.09 -2.14 -18.65
C ALA B 112 22.08 -3.02 -19.39
N ALA B 113 21.04 -2.41 -20.00
CA ALA B 113 20.09 -3.18 -20.79
C ALA B 113 20.78 -3.96 -21.92
N THR B 114 21.79 -3.34 -22.55
CA THR B 114 22.38 -3.98 -23.71
C THR B 114 23.20 -5.18 -23.25
N GLU B 115 23.91 -5.00 -22.14
CA GLU B 115 24.73 -6.02 -21.50
C GLU B 115 23.87 -7.24 -21.19
N PHE B 116 22.65 -6.99 -20.69
CA PHE B 116 21.80 -8.08 -20.23
C PHE B 116 20.76 -8.51 -21.27
N ASP B 117 20.79 -7.94 -22.48
CA ASP B 117 19.78 -8.18 -23.49
C ASP B 117 18.37 -8.01 -22.88
N MET B 118 18.17 -6.88 -22.20
CA MET B 118 16.85 -6.50 -21.71
C MET B 118 16.25 -5.46 -22.67
N ASP B 119 15.05 -5.72 -23.21
CA ASP B 119 14.41 -4.79 -24.13
C ASP B 119 14.13 -3.49 -23.36
N MET B 120 14.01 -2.38 -24.11
CA MET B 120 13.85 -1.06 -23.53
C MET B 120 12.63 -0.36 -24.10
N GLY B 121 12.02 0.44 -23.25
CA GLY B 121 11.00 1.40 -23.67
C GLY B 121 11.20 2.71 -22.92
N VAL B 122 10.43 3.73 -23.30
CA VAL B 122 10.50 5.03 -22.67
C VAL B 122 9.11 5.58 -22.47
N TYR B 123 9.00 6.42 -21.44
CA TYR B 123 7.84 7.29 -21.30
C TYR B 123 8.31 8.70 -21.13
N LEU B 124 7.75 9.59 -21.95
CA LEU B 124 7.80 11.02 -21.75
C LEU B 124 6.37 11.55 -21.69
N SER B 125 6.02 12.25 -20.59
CA SER B 125 4.64 12.61 -20.34
C SER B 125 4.19 13.65 -21.36
N PRO B 126 3.12 13.42 -22.17
CA PRO B 126 2.56 14.49 -22.99
C PRO B 126 2.19 15.73 -22.19
N TRP B 127 1.47 15.55 -21.05
CA TRP B 127 1.19 16.69 -20.19
C TRP B 127 2.46 17.10 -19.46
N ASP B 128 2.91 18.34 -19.70
CA ASP B 128 4.18 18.79 -19.17
C ASP B 128 3.95 20.00 -18.28
N ALA B 129 4.21 19.87 -16.97
CA ALA B 129 3.82 20.94 -16.05
C ALA B 129 4.89 22.03 -15.96
N HIS B 130 6.07 21.78 -16.55
CA HIS B 130 7.16 22.73 -16.52
C HIS B 130 7.17 23.60 -17.78
N SER B 131 7.06 22.96 -18.95
CA SER B 131 7.33 23.61 -20.22
C SER B 131 6.47 24.88 -20.38
N PRO B 132 7.08 26.05 -20.62
CA PRO B 132 6.29 27.24 -20.94
C PRO B 132 5.55 27.09 -22.28
N LEU B 133 5.90 26.07 -23.09
CA LEU B 133 5.21 25.83 -24.36
C LEU B 133 3.90 25.08 -24.15
N TYR B 134 3.72 24.50 -22.95
CA TYR B 134 2.50 23.75 -22.69
C TYR B 134 1.32 24.71 -22.46
N HIS B 135 0.76 25.22 -23.56
CA HIS B 135 -0.34 26.18 -23.52
C HIS B 135 -1.07 26.09 -24.86
N VAL B 136 -2.39 26.24 -24.83
CA VAL B 136 -3.16 26.11 -26.06
C VAL B 136 -2.67 27.06 -27.17
N ASP B 137 -2.18 28.25 -26.79
CA ASP B 137 -1.70 29.22 -27.77
C ASP B 137 -0.30 28.90 -28.29
N ARG B 138 0.37 27.90 -27.68
N ARG B 138 0.40 27.94 -27.67
CA ARG B 138 1.70 27.51 -28.10
CA ARG B 138 1.70 27.54 -28.19
C ARG B 138 1.74 26.03 -28.45
C ARG B 138 1.73 26.02 -28.40
N GLU B 139 0.57 25.46 -28.75
CA GLU B 139 0.40 24.03 -28.93
C GLU B 139 1.34 23.46 -30.00
N ALA B 140 1.47 24.15 -31.15
CA ALA B 140 2.35 23.65 -32.19
C ALA B 140 3.80 23.56 -31.69
N ASP B 141 4.22 24.58 -30.95
CA ASP B 141 5.57 24.60 -30.40
C ASP B 141 5.76 23.49 -29.36
N TYR B 142 4.70 23.20 -28.59
CA TYR B 142 4.85 22.16 -27.58
C TYR B 142 4.98 20.80 -28.28
N ASN B 143 4.13 20.56 -29.27
CA ASN B 143 4.23 19.32 -30.03
C ASN B 143 5.58 19.18 -30.71
N ALA B 144 6.15 20.28 -31.25
CA ALA B 144 7.47 20.18 -31.87
C ALA B 144 8.53 19.85 -30.80
N TYR B 145 8.38 20.39 -29.59
CA TYR B 145 9.26 20.02 -28.47
C TYR B 145 9.19 18.52 -28.18
N TYR B 146 7.96 18.02 -27.92
CA TYR B 146 7.73 16.60 -27.66
C TYR B 146 8.37 15.75 -28.77
N LEU B 147 8.13 16.13 -30.04
CA LEU B 147 8.60 15.35 -31.18
C LEU B 147 10.13 15.36 -31.25
N ALA B 148 10.74 16.50 -30.91
CA ALA B 148 12.18 16.64 -31.00
C ALA B 148 12.87 15.69 -30.01
N GLN B 149 12.24 15.54 -28.82
CA GLN B 149 12.80 14.66 -27.79
C GLN B 149 12.60 13.20 -28.19
N LEU B 150 11.45 12.87 -28.79
CA LEU B 150 11.31 11.53 -29.33
C LEU B 150 12.43 11.27 -30.32
N LYS B 151 12.69 12.21 -31.23
CA LYS B 151 13.75 12.03 -32.23
C LYS B 151 15.12 11.89 -31.58
N GLU B 152 15.42 12.70 -30.56
CA GLU B 152 16.67 12.65 -29.82
C GLU B 152 16.94 11.26 -29.26
N ILE B 153 15.89 10.69 -28.64
CA ILE B 153 15.98 9.38 -28.00
C ILE B 153 16.12 8.26 -29.05
N LEU B 154 15.15 8.18 -29.96
CA LEU B 154 14.95 6.98 -30.75
C LEU B 154 15.97 6.93 -31.91
N SER B 155 16.70 8.04 -32.12
CA SER B 155 17.68 8.08 -33.22
C SER B 155 19.11 7.81 -32.74
N ASN B 156 19.30 7.75 -31.42
CA ASN B 156 20.64 7.64 -30.86
C ASN B 156 20.99 6.17 -30.63
N PRO B 157 22.03 5.61 -31.30
CA PRO B 157 22.28 4.17 -31.22
C PRO B 157 22.81 3.75 -29.86
N ASN B 158 23.14 4.73 -29.01
CA ASN B 158 23.63 4.50 -27.67
C ASN B 158 22.48 4.36 -26.68
N TYR B 159 21.26 4.68 -27.13
CA TYR B 159 20.07 4.49 -26.28
C TYR B 159 19.36 3.23 -26.73
N GLY B 160 18.71 2.52 -25.79
CA GLY B 160 17.99 1.33 -26.17
C GLY B 160 18.83 0.08 -25.90
N ASN B 161 18.24 -1.05 -26.25
CA ASN B 161 18.95 -2.32 -26.20
C ASN B 161 19.72 -2.41 -27.52
N ALA B 162 21.02 -2.07 -27.48
CA ALA B 162 21.84 -1.99 -28.69
C ALA B 162 21.11 -1.14 -29.72
N GLY B 163 20.70 0.08 -29.33
CA GLY B 163 20.11 1.02 -30.26
C GLY B 163 18.63 0.79 -30.54
N LYS B 164 18.04 -0.27 -29.95
CA LYS B 164 16.67 -0.62 -30.29
C LYS B 164 15.71 -0.34 -29.11
N PHE B 165 14.56 0.25 -29.42
CA PHE B 165 13.42 0.40 -28.49
C PHE B 165 12.29 -0.51 -28.93
N ALA B 166 11.71 -1.16 -27.90
CA ALA B 166 10.67 -2.15 -28.12
C ALA B 166 9.30 -1.60 -27.75
N GLU B 167 9.24 -0.50 -26.95
CA GLU B 167 7.93 0.09 -26.66
C GLU B 167 8.07 1.56 -26.33
N VAL B 168 7.28 2.39 -26.99
CA VAL B 168 7.11 3.76 -26.52
C VAL B 168 5.75 3.85 -25.85
N TRP B 169 5.73 4.45 -24.65
CA TRP B 169 4.53 4.46 -23.82
C TRP B 169 4.11 5.93 -23.66
N MET B 170 2.85 6.21 -24.02
CA MET B 170 2.27 7.50 -23.65
C MET B 170 0.82 7.35 -23.23
N ASP B 171 0.40 8.19 -22.29
CA ASP B 171 -1.01 8.38 -22.02
C ASP B 171 -1.53 9.53 -22.88
N GLY B 172 -2.76 9.98 -22.61
CA GLY B 172 -3.30 11.11 -23.35
C GLY B 172 -3.86 12.21 -22.45
N ALA B 173 -3.46 12.24 -21.16
CA ALA B 173 -3.97 13.25 -20.25
C ALA B 173 -3.48 14.64 -20.68
N ARG B 174 -4.35 15.63 -20.46
N ARG B 174 -4.31 15.64 -20.38
CA ARG B 174 -3.97 17.03 -20.65
CA ARG B 174 -3.97 17.02 -20.63
C ARG B 174 -4.68 17.84 -19.57
C ARG B 174 -4.75 17.87 -19.64
N GLY B 175 -4.28 19.11 -19.43
CA GLY B 175 -4.96 20.03 -18.52
C GLY B 175 -6.33 20.50 -19.03
N GLU B 176 -6.88 21.54 -18.39
CA GLU B 176 -8.15 22.15 -18.78
C GLU B 176 -7.91 23.62 -19.11
N GLY B 177 -8.90 24.27 -19.74
CA GLY B 177 -8.77 25.68 -20.10
C GLY B 177 -7.57 25.93 -21.01
N ALA B 178 -6.72 26.89 -20.62
CA ALA B 178 -5.49 27.25 -21.33
C ALA B 178 -4.51 26.08 -21.38
N GLN B 179 -4.73 25.07 -20.54
CA GLN B 179 -3.79 23.96 -20.45
C GLN B 179 -4.35 22.72 -21.14
N LYS B 180 -5.47 22.87 -21.86
CA LYS B 180 -6.04 21.77 -22.61
C LYS B 180 -5.32 21.61 -23.96
N VAL B 181 -4.05 21.19 -23.91
CA VAL B 181 -3.22 21.05 -25.09
C VAL B 181 -3.62 19.80 -25.86
N ASN B 182 -3.75 19.93 -27.18
CA ASN B 182 -4.00 18.79 -28.06
C ASN B 182 -2.69 18.24 -28.61
N TYR B 183 -2.62 16.90 -28.70
CA TYR B 183 -1.38 16.26 -29.11
C TYR B 183 -1.46 15.79 -30.57
N GLU B 184 -0.35 15.99 -31.29
CA GLU B 184 -0.19 15.54 -32.66
C GLU B 184 0.24 14.06 -32.72
N PHE B 185 -0.65 13.19 -32.22
CA PHE B 185 -0.34 11.79 -32.00
C PHE B 185 0.11 11.10 -33.29
N GLU B 186 -0.59 11.34 -34.41
CA GLU B 186 -0.20 10.63 -35.64
C GLU B 186 1.20 10.99 -36.11
N LYS B 187 1.64 12.22 -35.89
CA LYS B 187 2.97 12.61 -36.35
C LYS B 187 3.98 11.97 -35.40
N TRP B 188 3.60 11.85 -34.13
CA TRP B 188 4.46 11.17 -33.16
C TRP B 188 4.66 9.72 -33.55
N PHE B 189 3.56 9.04 -33.90
CA PHE B 189 3.60 7.63 -34.29
C PHE B 189 4.43 7.45 -35.56
N GLU B 190 4.30 8.39 -36.52
CA GLU B 190 5.06 8.31 -37.76
C GLU B 190 6.56 8.37 -37.49
N THR B 191 6.98 9.26 -36.58
CA THR B 191 8.38 9.40 -36.17
C THR B 191 8.90 8.11 -35.52
N ILE B 192 8.10 7.52 -34.64
CA ILE B 192 8.48 6.28 -33.97
C ILE B 192 8.71 5.14 -34.98
N ARG B 193 7.82 5.01 -35.98
CA ARG B 193 7.98 4.01 -37.02
C ARG B 193 9.26 4.29 -37.82
N ASP B 194 9.46 5.57 -38.19
CA ASP B 194 10.61 5.98 -38.99
C ASP B 194 11.90 5.55 -38.30
N LEU B 195 11.98 5.76 -36.98
CA LEU B 195 13.22 5.62 -36.24
C LEU B 195 13.31 4.22 -35.64
N GLN B 196 12.17 3.59 -35.34
CA GLN B 196 12.29 2.32 -34.63
C GLN B 196 11.36 1.23 -35.19
N GLY B 197 10.82 1.45 -36.39
CA GLY B 197 10.20 0.38 -37.18
C GLY B 197 8.96 -0.22 -36.50
N ASP B 198 9.06 -1.51 -36.11
CA ASP B 198 7.92 -2.22 -35.55
C ASP B 198 7.81 -2.01 -34.03
N CYS B 199 8.49 -0.99 -33.47
CA CYS B 199 8.39 -0.72 -32.04
C CYS B 199 6.91 -0.59 -31.62
N LEU B 200 6.57 -1.29 -30.54
CA LEU B 200 5.20 -1.20 -30.05
C LEU B 200 4.92 0.18 -29.47
N ILE B 201 3.65 0.57 -29.51
CA ILE B 201 3.28 1.88 -29.01
C ILE B 201 2.05 1.69 -28.14
N PHE B 202 2.20 2.06 -26.88
CA PHE B 202 1.05 2.22 -26.01
C PHE B 202 0.55 3.65 -26.13
N SER B 203 -0.74 3.78 -26.42
CA SER B 203 -1.36 5.09 -26.53
C SER B 203 -2.87 4.95 -26.27
N THR B 204 -3.54 6.11 -26.31
CA THR B 204 -4.99 6.17 -26.27
C THR B 204 -5.61 5.94 -27.65
N GLU B 205 -4.79 5.88 -28.70
CA GLU B 205 -5.23 5.86 -30.08
C GLU B 205 -5.10 4.45 -30.63
N GLY B 206 -5.34 4.28 -31.93
CA GLY B 206 -5.43 2.90 -32.43
C GLY B 206 -4.08 2.27 -32.74
N THR B 207 -3.22 2.12 -31.71
CA THR B 207 -1.85 1.64 -31.86
C THR B 207 -1.76 0.17 -31.40
N SER B 208 -0.53 -0.36 -31.37
CA SER B 208 -0.37 -1.79 -31.14
C SER B 208 -0.68 -2.23 -29.69
N ILE B 209 -0.58 -1.31 -28.72
CA ILE B 209 -0.88 -1.60 -27.33
C ILE B 209 -1.89 -0.58 -26.84
N ARG B 210 -2.92 -1.07 -26.12
CA ARG B 210 -3.82 -0.23 -25.38
C ARG B 210 -3.67 -0.46 -23.86
N TRP B 211 -4.22 0.49 -23.08
CA TRP B 211 -4.32 0.25 -21.63
C TRP B 211 -5.45 -0.77 -21.41
N ILE B 212 -5.26 -1.70 -20.46
CA ILE B 212 -6.35 -2.64 -20.15
C ILE B 212 -7.51 -1.94 -19.46
N GLY B 213 -7.30 -0.71 -18.95
CA GLY B 213 -8.38 0.15 -18.44
C GLY B 213 -8.82 -0.24 -17.03
N ASN B 214 -8.00 -1.00 -16.33
CA ASN B 214 -8.30 -1.46 -14.99
C ASN B 214 -7.05 -1.16 -14.16
N GLU B 215 -7.26 -0.52 -13.01
CA GLU B 215 -6.16 0.00 -12.21
C GLU B 215 -5.44 -1.14 -11.48
N ARG B 216 -6.13 -2.28 -11.27
CA ARG B 216 -5.52 -3.42 -10.59
C ARG B 216 -4.70 -4.34 -11.50
N GLY B 217 -4.77 -4.15 -12.83
CA GLY B 217 -4.04 -5.04 -13.74
C GLY B 217 -4.85 -6.29 -14.11
N TYR B 218 -6.16 -6.25 -13.87
CA TYR B 218 -7.01 -7.40 -14.17
C TYR B 218 -7.64 -7.26 -15.55
N ALA B 219 -7.40 -8.29 -16.36
CA ALA B 219 -8.03 -8.30 -17.67
C ALA B 219 -9.52 -8.57 -17.53
N GLY B 220 -10.25 -8.11 -18.54
CA GLY B 220 -11.67 -8.45 -18.61
C GLY B 220 -11.89 -9.92 -18.98
N ASP B 221 -13.11 -10.40 -18.70
CA ASP B 221 -13.54 -11.72 -19.14
C ASP B 221 -14.78 -11.43 -20.00
N PRO B 222 -14.78 -11.53 -21.35
CA PRO B 222 -13.64 -11.99 -22.15
C PRO B 222 -12.55 -10.93 -22.36
N LEU B 223 -11.39 -11.36 -22.88
CA LEU B 223 -10.37 -10.40 -23.30
C LEU B 223 -10.07 -10.73 -24.76
N TRP B 224 -10.63 -9.90 -25.62
CA TRP B 224 -10.29 -9.91 -27.04
C TRP B 224 -9.12 -8.94 -27.24
N GLN B 225 -8.06 -9.43 -27.88
CA GLN B 225 -6.89 -8.60 -28.10
C GLN B 225 -7.03 -7.91 -29.46
N LYS B 226 -8.06 -7.11 -29.59
CA LYS B 226 -8.39 -6.42 -30.83
C LYS B 226 -9.39 -5.34 -30.48
N VAL B 227 -9.33 -4.27 -31.27
CA VAL B 227 -10.30 -3.20 -31.09
C VAL B 227 -10.66 -2.62 -32.45
N ASN B 228 -11.68 -1.72 -32.41
CA ASN B 228 -12.02 -0.82 -33.50
C ASN B 228 -11.44 0.55 -33.14
N PRO B 229 -10.47 1.08 -33.92
CA PRO B 229 -9.84 2.38 -33.62
C PRO B 229 -10.80 3.55 -33.40
N ASP B 230 -11.97 3.50 -34.05
CA ASP B 230 -12.95 4.57 -33.91
C ASP B 230 -13.61 4.54 -32.54
N LYS B 231 -13.30 3.54 -31.72
CA LYS B 231 -13.91 3.47 -30.41
C LYS B 231 -12.88 3.72 -29.31
N LEU B 232 -11.73 4.31 -29.68
CA LEU B 232 -10.71 4.58 -28.68
C LEU B 232 -10.69 6.07 -28.35
N GLY B 233 -9.50 6.70 -28.37
CA GLY B 233 -9.35 8.06 -27.87
C GLY B 233 -9.49 8.17 -26.35
N THR B 234 -9.38 9.39 -25.83
CA THR B 234 -9.31 9.55 -24.38
C THR B 234 -10.68 9.31 -23.74
N GLU B 235 -11.74 9.31 -24.56
CA GLU B 235 -13.10 9.09 -24.06
C GLU B 235 -13.52 7.62 -24.23
N ALA B 236 -12.56 6.74 -24.57
CA ALA B 236 -12.85 5.30 -24.64
C ALA B 236 -13.47 4.82 -23.33
N GLU B 237 -14.45 3.90 -23.41
CA GLU B 237 -15.04 3.30 -22.24
C GLU B 237 -14.02 2.32 -21.65
N LEU B 238 -13.91 2.35 -20.31
CA LEU B 238 -12.94 1.51 -19.63
C LEU B 238 -13.31 0.05 -19.88
N ASN B 239 -14.62 -0.27 -19.89
CA ASN B 239 -15.01 -1.65 -20.17
C ASN B 239 -14.62 -2.10 -21.58
N TYR B 240 -14.60 -1.20 -22.56
CA TYR B 240 -14.15 -1.55 -23.90
C TYR B 240 -12.66 -1.89 -23.89
N LEU B 241 -11.86 -1.09 -23.18
CA LEU B 241 -10.42 -1.35 -23.09
C LEU B 241 -10.22 -2.69 -22.38
N GLN B 242 -11.07 -2.98 -21.38
CA GLN B 242 -10.90 -4.15 -20.52
C GLN B 242 -11.25 -5.45 -21.24
N HIS B 243 -12.21 -5.41 -22.18
CA HIS B 243 -12.63 -6.61 -22.89
C HIS B 243 -12.13 -6.67 -24.33
N GLY B 244 -11.72 -5.51 -24.87
CA GLY B 244 -11.57 -5.48 -26.32
C GLY B 244 -12.91 -5.66 -27.00
N ASP B 245 -12.81 -5.91 -28.32
CA ASP B 245 -13.99 -5.85 -29.18
C ASP B 245 -14.05 -7.17 -29.94
N PRO B 246 -15.14 -7.96 -29.78
CA PRO B 246 -15.22 -9.25 -30.46
C PRO B 246 -15.16 -9.08 -31.99
N SER B 247 -15.48 -7.88 -32.50
CA SER B 247 -15.41 -7.59 -33.92
C SER B 247 -14.33 -6.57 -34.25
N GLY B 248 -13.34 -6.41 -33.36
CA GLY B 248 -12.26 -5.48 -33.60
C GLY B 248 -11.50 -5.70 -34.92
N THR B 249 -11.00 -4.59 -35.49
CA THR B 249 -10.36 -4.68 -36.79
C THR B 249 -8.87 -4.45 -36.77
N ILE B 250 -8.28 -4.13 -35.60
CA ILE B 250 -6.82 -4.08 -35.47
C ILE B 250 -6.44 -4.95 -34.27
N PHE B 251 -5.33 -5.69 -34.42
CA PHE B 251 -4.83 -6.43 -33.25
C PHE B 251 -4.25 -5.43 -32.24
N SER B 252 -4.71 -5.56 -30.98
CA SER B 252 -4.34 -4.63 -29.90
C SER B 252 -4.10 -5.42 -28.63
N ILE B 253 -2.90 -5.25 -28.04
CA ILE B 253 -2.61 -5.88 -26.76
C ILE B 253 -3.16 -4.99 -25.63
N GLY B 254 -3.95 -5.58 -24.74
CA GLY B 254 -4.43 -4.79 -23.61
C GLY B 254 -3.49 -4.91 -22.39
N GLU B 255 -2.51 -4.01 -22.30
CA GLU B 255 -1.41 -4.16 -21.36
C GLU B 255 -1.94 -3.89 -19.94
N ALA B 256 -1.57 -4.79 -19.00
CA ALA B 256 -1.96 -4.66 -17.60
C ALA B 256 -0.84 -3.92 -16.87
N ASP B 257 -1.14 -2.69 -16.45
N ASP B 257 -1.04 -2.66 -16.51
CA ASP B 257 -0.18 -1.81 -15.79
CA ASP B 257 0.06 -1.97 -15.84
C ASP B 257 -0.46 -1.78 -14.29
C ASP B 257 -0.29 -1.75 -14.38
N VAL B 258 0.58 -2.06 -13.50
N VAL B 258 0.60 -2.17 -13.48
CA VAL B 258 0.40 -2.17 -12.06
CA VAL B 258 0.31 -2.05 -12.07
C VAL B 258 1.69 -1.74 -11.38
C VAL B 258 1.63 -1.76 -11.35
N SER B 259 1.56 -0.98 -10.27
CA SER B 259 2.77 -0.78 -9.46
C SER B 259 2.90 -1.92 -8.43
N ILE B 260 4.13 -2.22 -8.03
CA ILE B 260 4.35 -3.12 -6.89
C ILE B 260 3.95 -2.46 -5.55
N ARG B 261 3.81 -1.13 -5.54
CA ARG B 261 3.44 -0.34 -4.37
C ARG B 261 2.16 0.45 -4.66
N PRO B 262 1.54 1.01 -3.61
CA PRO B 262 0.35 1.84 -3.82
C PRO B 262 0.60 3.00 -4.76
N GLY B 263 1.75 3.66 -4.60
CA GLY B 263 2.20 4.75 -5.49
C GLY B 263 3.18 4.21 -6.54
N TRP B 264 3.39 5.01 -7.59
CA TRP B 264 4.32 4.68 -8.66
C TRP B 264 5.74 5.12 -8.34
N PHE B 265 5.91 6.20 -7.57
CA PHE B 265 7.22 6.58 -7.06
C PHE B 265 7.47 5.90 -5.72
N TYR B 266 8.71 6.02 -5.23
CA TYR B 266 9.09 5.41 -3.95
C TYR B 266 8.65 6.28 -2.77
N HIS B 267 7.98 5.64 -1.78
CA HIS B 267 7.62 6.27 -0.51
C HIS B 267 7.98 5.26 0.58
N GLU B 268 8.75 5.73 1.56
N GLU B 268 8.75 5.70 1.57
CA GLU B 268 9.29 4.91 2.64
CA GLU B 268 9.29 4.81 2.60
C GLU B 268 8.20 4.13 3.38
C GLU B 268 8.17 4.10 3.38
N ASP B 269 7.03 4.76 3.60
CA ASP B 269 5.94 4.19 4.39
C ASP B 269 5.08 3.22 3.58
N GLN B 270 5.46 2.93 2.32
CA GLN B 270 4.76 1.90 1.54
C GLN B 270 5.61 0.64 1.46
N ASP B 271 4.95 -0.44 1.09
CA ASP B 271 5.49 -1.78 1.03
C ASP B 271 5.04 -2.40 -0.27
N PRO B 272 5.90 -3.28 -0.83
CA PRO B 272 5.51 -4.09 -1.99
C PRO B 272 4.32 -4.99 -1.69
N LYS B 273 3.54 -5.28 -2.75
CA LYS B 273 2.42 -6.20 -2.66
C LYS B 273 2.95 -7.56 -2.23
N SER B 274 2.10 -8.32 -1.51
CA SER B 274 2.44 -9.66 -1.09
C SER B 274 2.67 -10.59 -2.28
N LEU B 275 3.35 -11.71 -2.02
CA LEU B 275 3.45 -12.72 -3.05
C LEU B 275 2.06 -13.16 -3.49
N GLU B 276 1.16 -13.32 -2.51
CA GLU B 276 -0.19 -13.78 -2.81
C GLU B 276 -0.88 -12.83 -3.80
N GLU B 277 -0.68 -11.51 -3.62
CA GLU B 277 -1.33 -10.49 -4.43
C GLU B 277 -0.76 -10.48 -5.85
N LEU B 278 0.56 -10.51 -5.92
CA LEU B 278 1.22 -10.56 -7.23
C LEU B 278 0.81 -11.81 -8.00
N VAL B 279 0.70 -12.94 -7.29
CA VAL B 279 0.23 -14.16 -7.93
C VAL B 279 -1.18 -14.00 -8.48
N GLU B 280 -2.13 -13.41 -7.73
CA GLU B 280 -3.46 -13.11 -8.23
C GLU B 280 -3.42 -12.24 -9.50
N ILE B 281 -2.66 -11.13 -9.42
CA ILE B 281 -2.47 -10.25 -10.56
C ILE B 281 -1.94 -11.02 -11.76
N TYR B 282 -0.95 -11.89 -11.51
CA TYR B 282 -0.40 -12.73 -12.58
C TYR B 282 -1.47 -13.57 -13.26
N PHE B 283 -2.29 -14.29 -12.46
CA PHE B 283 -3.30 -15.12 -13.10
C PHE B 283 -4.34 -14.31 -13.88
N HIS B 284 -4.59 -13.06 -13.48
CA HIS B 284 -5.61 -12.22 -14.07
C HIS B 284 -5.09 -11.35 -15.23
N SER B 285 -3.78 -11.40 -15.50
CA SER B 285 -3.15 -10.66 -16.60
C SER B 285 -2.50 -11.67 -17.54
N VAL B 286 -1.28 -12.12 -17.20
CA VAL B 286 -0.63 -13.15 -18.00
C VAL B 286 -1.52 -14.40 -18.16
N GLY B 287 -2.24 -14.80 -17.11
CA GLY B 287 -3.12 -15.96 -17.24
C GLY B 287 -4.39 -15.70 -18.04
N ARG B 288 -4.64 -14.45 -18.44
CA ARG B 288 -5.73 -14.12 -19.33
C ARG B 288 -5.18 -13.67 -20.68
N GLY B 289 -3.90 -13.96 -20.95
CA GLY B 289 -3.39 -13.79 -22.30
C GLY B 289 -2.82 -12.40 -22.59
N THR B 290 -2.42 -11.67 -21.55
CA THR B 290 -1.94 -10.32 -21.80
C THR B 290 -0.74 -10.06 -20.90
N PRO B 291 0.26 -9.27 -21.34
CA PRO B 291 1.42 -9.03 -20.48
C PRO B 291 1.13 -8.14 -19.28
N LEU B 292 1.94 -8.37 -18.24
CA LEU B 292 1.96 -7.52 -17.05
C LEU B 292 3.18 -6.61 -17.14
N LEU B 293 2.92 -5.29 -16.97
CA LEU B 293 3.95 -4.28 -16.78
C LEU B 293 3.91 -3.83 -15.32
N LEU B 294 4.90 -4.32 -14.55
CA LEU B 294 4.97 -4.10 -13.11
C LEU B 294 5.99 -2.99 -12.81
N ASN B 295 5.53 -1.93 -12.18
CA ASN B 295 6.40 -0.80 -11.83
C ASN B 295 7.18 -1.04 -10.53
N ILE B 296 8.51 -0.78 -10.56
CA ILE B 296 9.36 -0.88 -9.38
C ILE B 296 10.06 0.46 -9.22
N PRO B 297 9.75 1.23 -8.15
CA PRO B 297 10.35 2.54 -8.00
C PRO B 297 11.65 2.56 -7.18
N PRO B 298 12.81 2.98 -7.72
CA PRO B 298 13.98 3.13 -6.89
C PRO B 298 13.85 4.25 -5.84
N ASN B 299 14.56 4.07 -4.70
CA ASN B 299 14.52 4.99 -3.58
C ASN B 299 15.42 6.22 -3.80
N GLN B 300 15.55 7.07 -2.75
CA GLN B 300 16.36 8.28 -2.81
C GLN B 300 17.85 7.97 -3.06
N ALA B 301 18.31 6.77 -2.69
CA ALA B 301 19.69 6.40 -3.00
C ALA B 301 19.86 5.98 -4.46
N GLY B 302 18.73 5.87 -5.20
CA GLY B 302 18.74 5.38 -6.57
C GLY B 302 18.84 3.84 -6.63
N LEU B 303 18.33 3.14 -5.60
CA LEU B 303 18.39 1.69 -5.60
C LEU B 303 16.97 1.13 -5.41
N PHE B 304 16.71 -0.08 -5.92
CA PHE B 304 15.46 -0.72 -5.56
C PHE B 304 15.46 -1.05 -4.07
N ASP B 305 14.29 -0.90 -3.43
CA ASP B 305 14.12 -1.25 -2.03
C ASP B 305 14.43 -2.75 -1.83
N ALA B 306 15.10 -3.09 -0.72
CA ALA B 306 15.44 -4.47 -0.47
C ALA B 306 14.19 -5.35 -0.33
N LYS B 307 13.10 -4.81 0.24
CA LYS B 307 11.86 -5.59 0.33
C LYS B 307 11.32 -5.92 -1.07
N ASP B 308 11.34 -4.93 -1.96
CA ASP B 308 10.87 -5.12 -3.32
C ASP B 308 11.72 -6.17 -4.05
N ILE B 309 13.04 -6.11 -3.87
CA ILE B 309 13.96 -7.02 -4.56
C ILE B 309 13.65 -8.46 -4.11
N GLU B 310 13.62 -8.67 -2.79
CA GLU B 310 13.29 -9.99 -2.28
C GLU B 310 11.97 -10.51 -2.88
N ARG B 311 10.94 -9.67 -2.88
CA ARG B 311 9.63 -10.01 -3.42
C ARG B 311 9.69 -10.43 -4.88
N LEU B 312 10.46 -9.70 -5.69
CA LEU B 312 10.65 -10.08 -7.07
C LEU B 312 11.28 -11.48 -7.19
N TYR B 313 12.22 -11.84 -6.31
CA TYR B 313 12.78 -13.19 -6.37
C TYR B 313 11.77 -14.24 -5.92
N GLU B 314 10.91 -13.91 -4.94
CA GLU B 314 9.93 -14.86 -4.48
C GLU B 314 8.89 -15.13 -5.57
N PHE B 315 8.48 -14.05 -6.24
CA PHE B 315 7.56 -14.14 -7.36
C PHE B 315 8.16 -15.04 -8.46
N ALA B 316 9.42 -14.77 -8.83
CA ALA B 316 10.08 -15.60 -9.85
C ALA B 316 10.15 -17.07 -9.45
N THR B 317 10.48 -17.35 -8.18
CA THR B 317 10.55 -18.73 -7.72
C THR B 317 9.17 -19.39 -7.77
N TYR B 318 8.12 -18.63 -7.42
CA TYR B 318 6.77 -19.17 -7.55
C TYR B 318 6.51 -19.63 -9.00
N ARG B 319 6.71 -18.74 -9.99
CA ARG B 319 6.43 -19.05 -11.38
C ARG B 319 7.26 -20.22 -11.86
N ASN B 320 8.53 -20.27 -11.46
CA ASN B 320 9.42 -21.32 -11.92
C ASN B 320 8.93 -22.67 -11.42
N GLU B 321 8.44 -22.73 -10.17
N GLU B 321 8.44 -22.72 -10.17
CA GLU B 321 7.97 -23.99 -9.60
CA GLU B 321 7.96 -23.95 -9.56
C GLU B 321 6.63 -24.36 -10.22
C GLU B 321 6.63 -24.35 -10.20
N LEU B 322 5.75 -23.36 -10.41
CA LEU B 322 4.47 -23.60 -11.07
C LEU B 322 4.68 -24.36 -12.37
N TYR B 323 5.67 -23.92 -13.18
CA TYR B 323 5.80 -24.45 -14.51
C TYR B 323 6.80 -25.60 -14.61
N LYS B 324 7.32 -26.07 -13.46
CA LYS B 324 8.42 -27.02 -13.47
C LYS B 324 8.02 -28.28 -14.24
N GLU B 325 6.80 -28.75 -13.98
CA GLU B 325 6.32 -30.03 -14.46
C GLU B 325 4.98 -29.88 -15.19
N ASP B 326 5.01 -30.01 -16.51
CA ASP B 326 3.76 -30.03 -17.25
C ASP B 326 3.23 -31.46 -17.24
N LEU B 327 2.16 -31.67 -16.48
CA LEU B 327 1.62 -32.98 -16.17
C LEU B 327 0.87 -33.58 -17.37
N ALA B 328 0.76 -32.82 -18.47
CA ALA B 328 0.07 -33.30 -19.67
C ALA B 328 1.02 -33.59 -20.84
N LEU B 329 2.33 -33.35 -20.68
CA LEU B 329 3.29 -33.35 -21.77
C LEU B 329 3.49 -34.79 -22.26
N GLY B 330 3.26 -35.01 -23.55
CA GLY B 330 3.33 -36.34 -24.09
C GLY B 330 2.04 -37.16 -23.92
N ALA B 331 1.01 -36.63 -23.23
CA ALA B 331 -0.26 -37.33 -23.02
C ALA B 331 -1.03 -37.59 -24.31
N GLU B 332 -1.85 -38.64 -24.28
CA GLU B 332 -2.65 -39.04 -25.43
C GLU B 332 -3.88 -38.15 -25.50
N VAL B 333 -4.14 -37.58 -26.69
CA VAL B 333 -5.33 -36.78 -26.87
C VAL B 333 -6.16 -37.40 -27.99
N SER B 334 -7.48 -37.45 -27.77
CA SER B 334 -8.45 -37.79 -28.81
C SER B 334 -9.61 -36.81 -28.93
N GLY B 335 -10.23 -36.87 -30.11
CA GLY B 335 -11.32 -35.99 -30.51
C GLY B 335 -11.26 -35.74 -32.02
N PRO B 336 -12.11 -34.83 -32.54
CA PRO B 336 -12.14 -34.54 -33.97
C PRO B 336 -10.92 -33.68 -34.31
N ALA B 337 -10.35 -33.91 -35.50
CA ALA B 337 -9.23 -33.14 -36.00
C ALA B 337 -9.39 -33.00 -37.52
N LEU B 338 -9.05 -31.82 -38.02
CA LEU B 338 -9.25 -31.39 -39.40
C LEU B 338 -8.46 -32.30 -40.34
N SER B 339 -7.22 -32.61 -39.99
CA SER B 339 -6.32 -33.39 -40.84
C SER B 339 -5.10 -33.82 -40.02
N ALA B 340 -4.26 -34.69 -40.57
CA ALA B 340 -3.03 -35.08 -39.88
C ALA B 340 -2.18 -33.87 -39.49
N ASP B 341 -2.14 -32.83 -40.33
CA ASP B 341 -1.36 -31.62 -40.06
C ASP B 341 -1.87 -30.89 -38.81
N PHE B 342 -3.13 -31.17 -38.41
CA PHE B 342 -3.77 -30.53 -37.27
C PHE B 342 -4.25 -31.55 -36.23
N ALA B 343 -3.44 -32.62 -36.09
CA ALA B 343 -3.77 -33.76 -35.24
C ALA B 343 -3.86 -33.32 -33.78
N CYS B 344 -4.72 -34.05 -33.05
CA CYS B 344 -4.92 -33.87 -31.61
C CYS B 344 -3.59 -34.00 -30.90
N ARG B 345 -2.71 -34.89 -31.40
CA ARG B 345 -1.45 -35.13 -30.72
C ARG B 345 -0.61 -33.85 -30.66
N HIS B 346 -0.98 -32.83 -31.45
CA HIS B 346 -0.11 -31.66 -31.48
C HIS B 346 -0.28 -30.85 -30.19
N LEU B 347 -1.31 -31.21 -29.39
CA LEU B 347 -1.63 -30.46 -28.18
C LEU B 347 -0.60 -30.72 -27.09
N THR B 348 0.11 -31.85 -27.16
CA THR B 348 0.99 -32.21 -26.05
C THR B 348 2.36 -32.69 -26.53
N ASP B 349 2.83 -32.13 -27.64
CA ASP B 349 3.99 -32.71 -28.30
C ASP B 349 5.26 -31.91 -27.99
N GLY B 350 5.13 -30.80 -27.25
CA GLY B 350 6.31 -30.04 -26.86
C GLY B 350 6.83 -29.11 -27.95
N LEU B 351 6.12 -29.04 -29.08
CA LEU B 351 6.61 -28.27 -30.22
C LEU B 351 5.80 -26.99 -30.26
N GLU B 352 6.49 -25.84 -30.37
CA GLU B 352 5.81 -24.57 -30.49
C GLU B 352 5.16 -24.41 -31.87
N THR B 353 5.64 -25.16 -32.86
CA THR B 353 5.24 -24.94 -34.24
C THR B 353 3.89 -25.59 -34.57
N SER B 354 3.51 -26.67 -33.86
CA SER B 354 2.41 -27.53 -34.28
C SER B 354 1.11 -27.14 -33.60
N SER B 355 -0.03 -27.38 -34.27
CA SER B 355 -1.34 -26.97 -33.81
C SER B 355 -2.31 -28.12 -34.04
N TRP B 356 -3.40 -28.11 -33.26
CA TRP B 356 -4.60 -28.89 -33.54
C TRP B 356 -5.68 -27.93 -34.04
N ALA B 357 -6.58 -28.45 -34.89
CA ALA B 357 -7.70 -27.66 -35.39
C ALA B 357 -8.83 -28.64 -35.72
N SER B 358 -10.07 -28.14 -35.71
CA SER B 358 -11.21 -28.95 -36.12
C SER B 358 -12.30 -28.02 -36.62
N ASP B 359 -13.00 -28.45 -37.68
CA ASP B 359 -14.14 -27.72 -38.19
C ASP B 359 -15.42 -28.49 -37.88
N ALA B 360 -15.33 -29.42 -36.93
CA ALA B 360 -16.53 -30.11 -36.48
C ALA B 360 -17.51 -29.14 -35.83
N ASP B 361 -18.78 -29.55 -35.81
CA ASP B 361 -19.81 -28.74 -35.17
C ASP B 361 -19.49 -28.59 -33.68
N LEU B 362 -19.80 -27.42 -33.10
CA LEU B 362 -19.62 -27.24 -31.67
C LEU B 362 -20.81 -27.87 -30.95
N PRO B 363 -20.62 -28.38 -29.72
CA PRO B 363 -19.36 -28.29 -28.99
C PRO B 363 -18.36 -29.37 -29.40
N ILE B 364 -17.07 -29.00 -29.33
CA ILE B 364 -15.95 -29.87 -29.67
C ILE B 364 -15.29 -30.31 -28.36
N GLN B 365 -15.16 -31.63 -28.19
CA GLN B 365 -14.63 -32.19 -26.95
C GLN B 365 -13.26 -32.79 -27.23
N LEU B 366 -12.26 -32.35 -26.46
CA LEU B 366 -10.95 -32.96 -26.55
C LEU B 366 -10.71 -33.76 -25.27
N GLU B 367 -10.26 -35.01 -25.41
CA GLU B 367 -10.03 -35.84 -24.23
C GLU B 367 -8.56 -36.22 -24.11
N LEU B 368 -7.96 -35.87 -22.95
CA LEU B 368 -6.60 -36.28 -22.64
C LEU B 368 -6.70 -37.45 -21.67
N ASP B 369 -5.91 -38.49 -21.92
CA ASP B 369 -5.58 -39.46 -20.89
C ASP B 369 -4.12 -39.30 -20.51
N LEU B 370 -3.87 -39.09 -19.21
CA LEU B 370 -2.54 -38.82 -18.72
C LEU B 370 -1.72 -40.11 -18.57
N GLY B 371 -2.39 -41.26 -18.61
CA GLY B 371 -1.73 -42.55 -18.53
C GLY B 371 -1.53 -43.03 -17.09
N SER B 372 -2.00 -42.22 -16.13
CA SER B 372 -1.74 -42.36 -14.71
C SER B 372 -2.41 -41.18 -14.02
N PRO B 373 -3.08 -41.34 -12.85
CA PRO B 373 -3.72 -40.21 -12.18
C PRO B 373 -2.74 -39.13 -11.71
N LYS B 374 -3.05 -37.86 -11.98
CA LYS B 374 -2.19 -36.78 -11.50
C LYS B 374 -2.98 -35.71 -10.73
N THR B 375 -2.26 -34.99 -9.85
CA THR B 375 -2.85 -33.93 -9.05
C THR B 375 -2.43 -32.59 -9.61
N PHE B 376 -3.41 -31.69 -9.74
CA PHE B 376 -3.23 -30.46 -10.49
C PHE B 376 -4.37 -29.52 -10.13
N ASP B 377 -4.12 -28.24 -10.38
CA ASP B 377 -5.12 -27.25 -10.03
C ASP B 377 -5.06 -26.11 -11.05
N VAL B 378 -4.33 -26.33 -12.14
CA VAL B 378 -4.23 -25.34 -13.21
C VAL B 378 -4.21 -26.07 -14.55
N ILE B 379 -4.97 -25.53 -15.53
CA ILE B 379 -4.81 -25.98 -16.91
C ILE B 379 -4.43 -24.74 -17.72
N GLU B 380 -3.51 -24.94 -18.67
CA GLU B 380 -3.12 -23.89 -19.60
C GLU B 380 -3.61 -24.30 -20.97
N LEU B 381 -4.26 -23.35 -21.68
CA LEU B 381 -4.61 -23.49 -23.08
C LEU B 381 -3.95 -22.38 -23.90
N ARG B 382 -3.53 -22.66 -25.15
CA ARG B 382 -3.06 -21.58 -26.03
C ARG B 382 -3.65 -21.76 -27.42
N GLU B 383 -4.08 -20.65 -28.02
CA GLU B 383 -4.51 -20.62 -29.41
C GLU B 383 -3.31 -20.38 -30.31
N ASP B 384 -3.53 -20.40 -31.63
CA ASP B 384 -2.47 -20.07 -32.59
C ASP B 384 -2.76 -18.68 -33.17
N LEU B 385 -2.33 -17.61 -32.51
CA LEU B 385 -2.83 -16.31 -32.91
C LEU B 385 -2.25 -15.84 -34.23
N LYS B 386 -1.30 -16.59 -34.80
CA LYS B 386 -0.86 -16.24 -36.15
C LYS B 386 -1.99 -16.45 -37.16
N LEU B 387 -3.05 -17.17 -36.75
CA LEU B 387 -4.26 -17.39 -37.54
C LEU B 387 -5.47 -16.64 -36.94
N GLY B 388 -5.19 -15.82 -35.91
CA GLY B 388 -6.21 -14.97 -35.31
C GLY B 388 -6.91 -15.61 -34.12
N GLN B 389 -7.40 -14.75 -33.23
CA GLN B 389 -8.05 -15.19 -31.99
C GLN B 389 -9.47 -15.63 -32.31
N ARG B 390 -9.95 -16.74 -31.70
CA ARG B 390 -11.23 -17.28 -32.15
C ARG B 390 -12.14 -17.75 -30.99
N ILE B 391 -11.55 -18.44 -30.02
CA ILE B 391 -12.39 -19.11 -28.98
C ILE B 391 -13.12 -18.08 -28.10
N ALA B 392 -14.42 -18.36 -27.82
CA ALA B 392 -15.29 -17.40 -27.15
C ALA B 392 -15.95 -18.05 -25.92
N ALA B 393 -15.93 -19.39 -25.84
CA ALA B 393 -16.42 -20.07 -24.63
C ALA B 393 -15.89 -21.50 -24.60
N PHE B 394 -15.47 -21.97 -23.41
CA PHE B 394 -14.94 -23.30 -23.26
C PHE B 394 -15.18 -23.65 -21.78
N HIS B 395 -15.16 -24.94 -21.50
CA HIS B 395 -15.12 -25.44 -20.13
C HIS B 395 -14.23 -26.67 -20.06
N VAL B 396 -13.91 -27.07 -18.83
CA VAL B 396 -12.97 -28.15 -18.67
C VAL B 396 -13.56 -29.14 -17.68
N GLN B 397 -13.43 -30.45 -17.96
CA GLN B 397 -14.01 -31.44 -17.07
C GLN B 397 -12.91 -32.39 -16.63
N VAL B 398 -13.11 -32.97 -15.42
CA VAL B 398 -12.20 -33.95 -14.87
C VAL B 398 -13.02 -35.12 -14.31
N GLU B 399 -12.48 -36.32 -14.52
CA GLU B 399 -13.13 -37.53 -14.04
C GLU B 399 -12.59 -37.85 -12.64
N VAL B 400 -13.43 -37.66 -11.62
CA VAL B 400 -13.01 -37.84 -10.22
C VAL B 400 -13.80 -38.99 -9.62
N ASP B 401 -13.05 -40.00 -9.14
CA ASP B 401 -13.61 -41.25 -8.61
C ASP B 401 -14.61 -41.80 -9.62
N GLY B 402 -14.24 -41.78 -10.91
CA GLY B 402 -15.04 -42.29 -12.01
C GLY B 402 -16.32 -41.50 -12.29
N VAL B 403 -16.42 -40.25 -11.79
CA VAL B 403 -17.57 -39.39 -12.05
C VAL B 403 -17.09 -38.04 -12.59
N TRP B 404 -17.52 -37.70 -13.82
CA TRP B 404 -17.18 -36.42 -14.42
C TRP B 404 -17.77 -35.28 -13.59
N GLN B 405 -16.92 -34.28 -13.34
CA GLN B 405 -17.37 -33.05 -12.70
C GLN B 405 -16.62 -31.89 -13.36
N GLU B 406 -17.16 -30.69 -13.14
CA GLU B 406 -16.67 -29.52 -13.83
C GLU B 406 -15.42 -29.01 -13.10
N PHE B 407 -14.34 -28.76 -13.85
CA PHE B 407 -13.10 -28.21 -13.33
C PHE B 407 -13.16 -26.69 -13.29
N GLY B 408 -13.65 -26.08 -14.37
CA GLY B 408 -13.72 -24.64 -14.50
C GLY B 408 -14.19 -24.30 -15.91
N SER B 409 -14.42 -23.03 -16.16
CA SER B 409 -14.91 -22.63 -17.47
C SER B 409 -14.38 -21.24 -17.74
N GLY B 410 -14.43 -20.86 -19.01
CA GLY B 410 -13.93 -19.56 -19.43
C GLY B 410 -14.56 -19.10 -20.74
N HIS B 411 -14.03 -17.98 -21.27
CA HIS B 411 -14.54 -17.40 -22.51
C HIS B 411 -13.40 -17.38 -23.53
N THR B 412 -12.61 -16.31 -23.50
CA THR B 412 -11.47 -16.26 -24.42
C THR B 412 -10.32 -17.12 -23.91
N VAL B 413 -9.48 -17.54 -24.85
CA VAL B 413 -8.23 -18.24 -24.57
C VAL B 413 -7.09 -17.30 -24.91
N GLY B 414 -6.97 -16.96 -26.19
CA GLY B 414 -5.94 -16.01 -26.55
C GLY B 414 -4.57 -16.67 -26.65
N TYR B 415 -3.55 -15.85 -26.41
CA TYR B 415 -2.18 -16.32 -26.50
C TYR B 415 -1.97 -17.40 -25.45
N LYS B 416 -2.58 -17.20 -24.27
CA LYS B 416 -2.35 -18.13 -23.16
C LYS B 416 -3.44 -17.90 -22.12
N ARG B 417 -4.10 -18.99 -21.71
CA ARG B 417 -5.08 -18.94 -20.63
C ARG B 417 -4.66 -19.90 -19.52
N LEU B 418 -4.54 -19.38 -18.30
CA LEU B 418 -4.36 -20.23 -17.12
C LEU B 418 -5.68 -20.22 -16.36
N LEU B 419 -6.28 -21.40 -16.22
CA LEU B 419 -7.53 -21.53 -15.51
C LEU B 419 -7.33 -22.44 -14.29
N ARG B 420 -7.59 -21.83 -13.14
CA ARG B 420 -7.37 -22.48 -11.85
C ARG B 420 -8.66 -23.19 -11.47
N GLY B 421 -8.53 -24.32 -10.81
CA GLY B 421 -9.70 -24.94 -10.20
C GLY B 421 -9.28 -25.58 -8.87
N ALA B 422 -10.28 -26.02 -8.09
CA ALA B 422 -9.99 -26.82 -6.90
C ALA B 422 -9.03 -27.95 -7.28
N VAL B 423 -8.01 -28.17 -6.43
CA VAL B 423 -7.05 -29.24 -6.63
C VAL B 423 -7.82 -30.58 -6.77
N VAL B 424 -7.50 -31.32 -7.83
CA VAL B 424 -8.12 -32.62 -8.09
C VAL B 424 -7.00 -33.60 -8.43
N GLU B 425 -7.28 -34.89 -8.20
CA GLU B 425 -6.51 -35.97 -8.79
C GLU B 425 -7.42 -36.65 -9.81
N ALA B 426 -6.89 -36.79 -11.02
CA ALA B 426 -7.61 -37.37 -12.15
C ALA B 426 -6.62 -37.87 -13.19
N GLN B 427 -7.10 -38.77 -14.07
CA GLN B 427 -6.31 -39.33 -15.15
C GLN B 427 -6.90 -38.88 -16.49
N LYS B 428 -8.17 -38.50 -16.47
CA LYS B 428 -8.84 -38.07 -17.69
C LYS B 428 -9.42 -36.67 -17.49
N ILE B 429 -9.23 -35.84 -18.52
CA ILE B 429 -9.63 -34.45 -18.53
C ILE B 429 -10.30 -34.22 -19.88
N ARG B 430 -11.37 -33.43 -19.88
CA ARG B 430 -11.94 -32.99 -21.15
C ARG B 430 -11.82 -31.47 -21.27
N VAL B 431 -11.39 -30.99 -22.44
CA VAL B 431 -11.52 -29.59 -22.81
C VAL B 431 -12.66 -29.51 -23.82
N VAL B 432 -13.71 -28.72 -23.54
CA VAL B 432 -14.85 -28.62 -24.45
C VAL B 432 -15.01 -27.20 -24.98
N ILE B 433 -14.85 -26.99 -26.30
CA ILE B 433 -15.07 -25.64 -26.82
C ILE B 433 -16.54 -25.52 -27.25
N THR B 434 -17.25 -24.52 -26.70
CA THR B 434 -18.67 -24.38 -26.99
C THR B 434 -19.01 -23.18 -27.85
N GLU B 435 -18.14 -22.14 -27.87
CA GLU B 435 -18.40 -21.04 -28.80
C GLU B 435 -17.08 -20.64 -29.42
N SER B 436 -17.10 -20.35 -30.73
CA SER B 436 -15.84 -19.93 -31.35
C SER B 436 -16.20 -19.08 -32.56
N GLN B 437 -15.42 -18.03 -32.84
CA GLN B 437 -15.74 -17.11 -33.91
C GLN B 437 -15.43 -17.71 -35.30
N ALA B 438 -14.60 -18.76 -35.34
CA ALA B 438 -14.28 -19.47 -36.56
C ALA B 438 -13.72 -20.79 -36.07
N LEU B 439 -13.35 -21.69 -36.99
CA LEU B 439 -12.98 -23.02 -36.54
C LEU B 439 -11.82 -22.93 -35.56
N PRO B 440 -11.89 -23.61 -34.40
CA PRO B 440 -10.88 -23.44 -33.35
C PRO B 440 -9.57 -24.18 -33.61
N LEU B 441 -8.50 -23.53 -33.14
CA LEU B 441 -7.15 -24.05 -33.11
C LEU B 441 -6.66 -23.90 -31.68
N LEU B 442 -5.83 -24.88 -31.28
CA LEU B 442 -5.03 -24.76 -30.06
C LEU B 442 -3.66 -25.33 -30.37
N THR B 443 -2.63 -24.77 -29.73
CA THR B 443 -1.27 -25.20 -29.98
C THR B 443 -0.76 -25.99 -28.79
N LYS B 444 -1.46 -25.91 -27.65
CA LYS B 444 -0.91 -26.43 -26.41
C LYS B 444 -2.02 -26.59 -25.38
N ILE B 445 -1.96 -27.72 -24.64
CA ILE B 445 -2.67 -27.93 -23.38
C ILE B 445 -1.66 -28.48 -22.38
N SER B 446 -1.55 -27.78 -21.26
CA SER B 446 -0.63 -28.19 -20.20
C SER B 446 -1.40 -28.22 -18.87
N LEU B 447 -0.90 -29.01 -17.89
CA LEU B 447 -1.52 -29.10 -16.58
C LEU B 447 -0.42 -28.90 -15.53
N TYR B 448 -0.71 -28.05 -14.53
CA TYR B 448 0.26 -27.74 -13.47
C TYR B 448 -0.40 -27.79 -12.10
N LYS B 449 0.45 -27.88 -11.07
CA LYS B 449 0.03 -27.84 -9.69
C LYS B 449 0.73 -26.64 -9.07
N THR B 450 -0.06 -25.72 -8.49
CA THR B 450 0.51 -24.51 -7.92
C THR B 450 1.45 -24.88 -6.78
N PRO B 451 2.56 -24.14 -6.56
CA PRO B 451 3.46 -24.48 -5.47
C PRO B 451 2.78 -24.24 -4.13
N GLY B 452 3.22 -25.00 -3.11
CA GLY B 452 2.74 -24.85 -1.74
C GLY B 452 3.41 -23.68 -1.00
CA CA C . -19.67 18.46 8.89
C1 EDO D . -22.95 2.51 -12.86
O1 EDO D . -21.70 2.47 -12.23
C2 EDO D . -22.77 2.80 -14.29
O2 EDO D . -22.32 4.12 -14.43
C1 EDO E . -28.43 5.38 -0.50
O1 EDO E . -29.38 5.00 -1.48
C2 EDO E . -27.07 4.93 -0.89
O2 EDO E . -26.81 3.62 -0.51
C1 EDO F . -3.74 14.49 43.26
O1 EDO F . -2.70 14.43 44.20
C2 EDO F . -4.82 15.38 43.70
O2 EDO F . -6.05 14.84 43.34
C1 EDO G . -16.44 26.53 -6.97
O1 EDO G . -15.07 26.66 -7.29
C2 EDO G . -16.75 25.30 -6.23
O2 EDO G . -17.48 25.59 -5.07
C1 EDO H . -1.65 8.35 -4.49
O1 EDO H . -0.87 7.23 -4.99
C2 EDO H . -3.17 8.30 -4.59
O2 EDO H . -3.54 8.03 -5.94
C1 BTB I . 9.47 -0.69 24.25
O1 BTB I . 8.70 -1.52 23.38
C2 BTB I . 9.88 -1.45 25.52
C3 BTB I . 10.42 -0.46 26.56
O3 BTB I . 10.61 -1.02 27.86
C4 BTB I . 10.92 -2.52 25.16
O4 BTB I . 12.19 -2.12 25.64
N BTB I . 8.63 -2.05 26.12
C5 BTB I . 7.52 -1.04 26.19
C6 BTB I . 6.67 -1.20 27.43
O6 BTB I . 7.52 -1.20 28.56
C7 BTB I . 8.17 -3.36 25.53
C8 BTB I . 8.07 -4.40 26.61
O8 BTB I . 9.11 -4.23 27.57
CA CA J . 2.18 -28.09 -30.22
C1 EDO K . 21.61 9.70 -35.53
O1 EDO K . 21.73 11.03 -35.01
C2 EDO K . 20.41 9.48 -36.36
O2 EDO K . 20.20 10.43 -37.40
C1 EDO L . -12.04 8.99 -32.32
O1 EDO L . -12.72 8.17 -31.40
C2 EDO L . -10.60 8.61 -32.38
O2 EDO L . -10.44 7.24 -32.14
C1 EDO M . -2.62 5.42 -17.24
O1 EDO M . -2.93 6.10 -18.42
C2 EDO M . -2.66 3.95 -17.42
O2 EDO M . -1.93 3.28 -16.41
C1 BTB N . 2.07 6.81 -12.72
O1 BTB N . 2.54 8.12 -12.55
C2 BTB N . 0.74 6.89 -13.49
C3 BTB N . -0.11 7.96 -12.79
O3 BTB N . -1.49 7.84 -13.07
C4 BTB N . 0.07 5.52 -13.44
O4 BTB N . -0.67 5.18 -14.61
N BTB N . 1.13 7.20 -14.92
C5 BTB N . 0.24 8.06 -15.78
C6 BTB N . 0.66 9.52 -15.75
O6 BTB N . 1.14 9.91 -14.46
C7 BTB N . 1.96 6.15 -15.61
C8 BTB N . 3.21 6.74 -16.21
O8 BTB N . 3.91 7.57 -15.27
#